data_5WDF
#
_entry.id   5WDF
#
_cell.length_a   57.284
_cell.length_b   60.953
_cell.length_c   70.149
_cell.angle_alpha   103.08
_cell.angle_beta   107.46
_cell.angle_gamma   100.05
#
_symmetry.space_group_name_H-M   'P 1'
#
loop_
_entity.id
_entity.type
_entity.pdbx_description
1 polymer '10E8v4-5R+100cF Fab heavy chain'
2 polymer 'FA10E8v4-5R+100cF FAB light chain'
3 polymer 'HIV-1 gp41 peptide'
#
loop_
_entity_poly.entity_id
_entity_poly.type
_entity_poly.pdbx_seq_one_letter_code
_entity_poly.pdbx_strand_id
1 'polypeptide(L)'
;EVRLRESGGGLVKPGGSLRLSCSASGFDFDNAWMTWVRQPPGKGLEWVGRITGPGEGWSVDYAESVKGRFTISRDNTKNT
LYLEMNNVRTEDTGYYFCARTGKYYDFWFGYPPGEEYFQDWGQGTLVIVSSASTKGPSVFPLAPSSKSTSGGTAALGCLV
KDYFPEPVTVSWNSGALTSGVHTFPAVLQSSGLYSLSSVVTVPSSSLGTQTYICNVNHKPSNTKVDKKVEPK
;
H,A
2 'polypeptide(L)'
;SELTQDPAVSVALKQTVTITCRGDSLRSHYASWYQKKPGQAPVLLFYGKNNRPSGIPDRFSGSASGNRASLTITGAQAED
EADYYCSSRDKSGSRLSVFGGGTKLTVLSQPKAAPSVTLFPPSSEELQANKATLVCLISDFYPGAVTVAWKADSSPVKAG
VETTTPSKQSNNKYAASSYLSLTPEQWKSHRSYSCQVTHEGSTVEKTVAPTECS
;
L,B
3 'polypeptide(L)' SLWNWFDITKWLWYIKK P,Q
#
# COMPACT_ATOMS: atom_id res chain seq x y z
N GLU A 1 6.55 -9.41 -5.13
CA GLU A 1 6.55 -9.23 -6.57
C GLU A 1 5.13 -9.13 -7.12
N VAL A 2 4.16 -9.61 -6.34
CA VAL A 2 2.77 -9.59 -6.77
C VAL A 2 2.27 -8.16 -6.83
N ARG A 3 1.64 -7.80 -7.94
CA ARG A 3 1.12 -6.45 -8.14
C ARG A 3 -0.29 -6.53 -8.73
N LEU A 4 -1.20 -5.74 -8.16
CA LEU A 4 -2.57 -5.68 -8.61
C LEU A 4 -2.96 -4.22 -8.81
N ARG A 5 -3.55 -3.90 -9.96
CA ARG A 5 -3.93 -2.53 -10.29
C ARG A 5 -5.40 -2.48 -10.67
N GLU A 6 -6.22 -1.89 -9.81
CA GLU A 6 -7.60 -1.59 -10.16
C GLU A 6 -7.66 -0.28 -10.94
N SER A 7 -8.56 -0.22 -11.92
CA SER A 7 -8.80 1.00 -12.67
C SER A 7 -10.17 0.91 -13.31
N GLY A 8 -10.65 2.06 -13.81
CA GLY A 8 -11.95 2.14 -14.43
C GLY A 8 -13.04 2.74 -13.55
N GLY A 9 -12.70 3.18 -12.34
CA GLY A 9 -13.70 3.78 -11.48
C GLY A 9 -14.05 5.19 -11.89
N GLY A 10 -15.18 5.67 -11.38
CA GLY A 10 -15.62 7.02 -11.69
C GLY A 10 -17.03 7.27 -11.20
N LEU A 11 -17.70 8.20 -11.89
CA LEU A 11 -19.06 8.57 -11.54
C LEU A 11 -20.05 7.93 -12.51
N VAL A 12 -21.22 7.57 -12.00
CA VAL A 12 -22.27 6.97 -12.81
C VAL A 12 -23.61 7.23 -12.13
N LYS A 13 -24.64 7.53 -12.94
CA LYS A 13 -25.97 7.68 -12.39
C LYS A 13 -26.62 6.33 -12.15
N PRO A 14 -27.58 6.26 -11.23
CA PRO A 14 -28.24 4.96 -10.96
C PRO A 14 -28.91 4.40 -12.20
N GLY A 15 -28.66 3.12 -12.44
CA GLY A 15 -29.12 2.47 -13.66
C GLY A 15 -28.11 2.45 -14.79
N GLY A 16 -26.97 3.14 -14.61
CA GLY A 16 -25.94 3.17 -15.63
C GLY A 16 -25.11 1.90 -15.66
N SER A 17 -24.08 1.93 -16.50
CA SER A 17 -23.18 0.79 -16.67
C SER A 17 -21.74 1.26 -16.49
N LEU A 18 -20.87 0.29 -16.19
CA LEU A 18 -19.45 0.56 -16.00
C LEU A 18 -18.71 -0.79 -15.98
N ARG A 19 -17.43 -0.74 -16.36
CA ARG A 19 -16.57 -1.91 -16.37
C ARG A 19 -15.29 -1.61 -15.60
N LEU A 20 -14.93 -2.49 -14.69
CA LEU A 20 -13.73 -2.36 -13.88
C LEU A 20 -12.70 -3.39 -14.30
N SER A 21 -11.42 -3.01 -14.22
CA SER A 21 -10.33 -3.83 -14.71
C SER A 21 -9.27 -3.97 -13.62
N CYS A 22 -8.81 -5.21 -13.40
CA CYS A 22 -7.74 -5.52 -12.45
C CYS A 22 -6.63 -6.26 -13.19
N SER A 23 -5.57 -5.55 -13.54
CA SER A 23 -4.42 -6.16 -14.18
C SER A 23 -3.49 -6.75 -13.13
N ALA A 24 -3.08 -8.00 -13.33
CA ALA A 24 -2.28 -8.74 -12.36
C ALA A 24 -0.91 -9.08 -12.95
N SER A 25 0.04 -9.30 -12.05
CA SER A 25 1.41 -9.69 -12.41
C SER A 25 2.11 -10.19 -11.16
N GLY A 26 3.10 -11.05 -11.37
CA GLY A 26 3.88 -11.61 -10.27
C GLY A 26 3.77 -13.11 -10.17
N PHE A 27 2.56 -13.59 -9.92
CA PHE A 27 2.24 -15.02 -9.94
C PHE A 27 1.97 -15.60 -11.33
N ASP A 28 1.48 -16.83 -11.29
CA ASP A 28 0.80 -17.55 -12.37
C ASP A 28 -0.68 -17.17 -12.34
N PHE A 29 -1.10 -16.31 -13.26
CA PHE A 29 -2.46 -15.80 -13.25
C PHE A 29 -3.47 -16.76 -13.88
N ASP A 30 -3.03 -17.69 -14.73
CA ASP A 30 -3.97 -18.56 -15.41
C ASP A 30 -4.69 -19.49 -14.44
N ASN A 31 -3.97 -19.95 -13.40
CA ASN A 31 -4.53 -20.90 -12.44
C ASN A 31 -5.08 -20.25 -11.19
N ALA A 32 -4.68 -19.02 -10.89
CA ALA A 32 -5.04 -18.38 -9.63
C ALA A 32 -6.49 -17.91 -9.64
N TRP A 33 -7.21 -18.20 -8.56
CA TRP A 33 -8.57 -17.68 -8.40
C TRP A 33 -8.52 -16.21 -8.01
N MET A 34 -9.48 -15.45 -8.52
CA MET A 34 -9.52 -14.02 -8.32
C MET A 34 -10.89 -13.63 -7.79
N THR A 35 -10.91 -12.65 -6.88
CA THR A 35 -12.12 -12.25 -6.17
C THR A 35 -12.29 -10.74 -6.20
N TRP A 36 -13.52 -10.29 -6.41
CA TRP A 36 -13.89 -8.90 -6.26
C TRP A 36 -14.50 -8.68 -4.88
N VAL A 37 -14.07 -7.62 -4.20
CA VAL A 37 -14.58 -7.26 -2.88
C VAL A 37 -14.83 -5.76 -2.87
N ARG A 38 -16.02 -5.35 -2.43
CA ARG A 38 -16.39 -3.95 -2.39
C ARG A 38 -16.46 -3.46 -0.95
N GLN A 39 -16.28 -2.16 -0.77
CA GLN A 39 -16.36 -1.53 0.54
C GLN A 39 -17.13 -0.22 0.46
N PRO A 40 -18.35 -0.16 0.97
CA PRO A 40 -19.05 1.12 1.03
C PRO A 40 -18.30 2.08 1.93
N PRO A 41 -18.37 3.38 1.65
CA PRO A 41 -17.62 4.35 2.46
C PRO A 41 -18.13 4.38 3.89
N GLY A 42 -17.21 4.21 4.83
CA GLY A 42 -17.57 4.14 6.23
C GLY A 42 -18.14 2.81 6.67
N LYS A 43 -18.10 1.79 5.83
CA LYS A 43 -18.65 0.48 6.17
C LYS A 43 -17.60 -0.61 6.02
N GLY A 44 -18.04 -1.87 6.10
CA GLY A 44 -17.12 -2.99 6.07
C GLY A 44 -16.94 -3.57 4.68
N LEU A 45 -16.08 -4.57 4.60
CA LEU A 45 -15.84 -5.26 3.34
C LEU A 45 -17.03 -6.14 3.00
N GLU A 46 -17.27 -6.32 1.70
CA GLU A 46 -18.39 -7.13 1.23
C GLU A 46 -17.91 -8.00 0.07
N TRP A 47 -18.17 -9.31 0.16
CA TRP A 47 -17.76 -10.23 -0.89
C TRP A 47 -18.69 -10.08 -2.09
N VAL A 48 -18.14 -9.67 -3.22
CA VAL A 48 -18.92 -9.56 -4.45
C VAL A 48 -18.95 -10.87 -5.21
N GLY A 49 -17.79 -11.45 -5.49
CA GLY A 49 -17.74 -12.72 -6.19
C GLY A 49 -16.33 -13.07 -6.56
N ARG A 50 -16.16 -14.34 -6.96
CA ARG A 50 -14.87 -14.84 -7.41
C ARG A 50 -15.06 -15.62 -8.69
N ILE A 51 -13.95 -15.80 -9.41
CA ILE A 51 -13.89 -16.67 -10.58
C ILE A 51 -12.85 -17.74 -10.32
N THR A 52 -13.13 -18.96 -10.77
CA THR A 52 -12.24 -20.08 -10.52
C THR A 52 -11.22 -20.20 -11.64
N GLY A 53 -10.57 -21.36 -11.72
CA GLY A 53 -9.51 -21.59 -12.68
C GLY A 53 -9.91 -22.56 -13.76
N PRO A 54 -8.93 -23.17 -14.43
CA PRO A 54 -9.25 -24.06 -15.55
C PRO A 54 -9.91 -25.37 -15.12
N GLY A 55 -9.45 -25.97 -14.03
CA GLY A 55 -10.00 -27.25 -13.60
C GLY A 55 -11.43 -27.19 -13.13
N GLU A 56 -11.99 -25.98 -12.98
CA GLU A 56 -13.35 -25.81 -12.46
C GLU A 56 -14.30 -25.26 -13.52
N GLY A 57 -13.92 -25.35 -14.79
CA GLY A 57 -14.74 -24.78 -15.85
C GLY A 57 -14.89 -23.29 -15.79
N TRP A 58 -14.02 -22.60 -15.04
CA TRP A 58 -14.04 -21.14 -14.89
C TRP A 58 -15.36 -20.67 -14.28
N SER A 59 -15.94 -21.47 -13.39
CA SER A 59 -17.22 -21.11 -12.81
C SER A 59 -17.09 -19.87 -11.94
N VAL A 60 -18.19 -19.12 -11.84
CA VAL A 60 -18.24 -17.88 -11.09
C VAL A 60 -19.38 -17.97 -10.09
N ASP A 61 -19.14 -17.48 -8.88
CA ASP A 61 -20.15 -17.46 -7.82
C ASP A 61 -20.38 -16.02 -7.40
N TYR A 62 -21.65 -15.62 -7.33
CA TYR A 62 -22.03 -14.24 -7.09
C TYR A 62 -22.74 -14.11 -5.76
N ALA A 63 -22.73 -12.88 -5.22
CA ALA A 63 -23.50 -12.56 -4.03
C ALA A 63 -24.96 -12.32 -4.39
N GLU A 64 -25.86 -12.72 -3.48
CA GLU A 64 -27.29 -12.65 -3.78
C GLU A 64 -27.75 -11.20 -3.96
N SER A 65 -27.19 -10.27 -3.19
CA SER A 65 -27.48 -8.87 -3.41
C SER A 65 -26.92 -8.35 -4.73
N VAL A 66 -26.16 -9.18 -5.46
CA VAL A 66 -25.55 -8.78 -6.70
C VAL A 66 -25.95 -9.67 -7.88
N LYS A 67 -26.50 -10.87 -7.62
CA LYS A 67 -26.88 -11.80 -8.67
C LYS A 67 -27.73 -11.14 -9.74
N GLY A 68 -27.42 -11.45 -10.99
CA GLY A 68 -28.17 -10.94 -12.12
C GLY A 68 -27.77 -9.57 -12.61
N ARG A 69 -26.97 -8.82 -11.85
CA ARG A 69 -26.58 -7.47 -12.25
C ARG A 69 -25.12 -7.38 -12.68
N PHE A 70 -24.21 -7.96 -11.91
CA PHE A 70 -22.79 -7.91 -12.25
C PHE A 70 -22.34 -9.23 -12.89
N THR A 71 -21.19 -9.16 -13.56
CA THR A 71 -20.60 -10.32 -14.22
C THR A 71 -19.09 -10.24 -14.06
N ILE A 72 -18.47 -11.39 -13.79
CA ILE A 72 -17.02 -11.50 -13.63
C ILE A 72 -16.48 -12.29 -14.81
N SER A 73 -15.44 -11.76 -15.45
CA SER A 73 -14.77 -12.44 -16.54
C SER A 73 -13.29 -12.12 -16.48
N ARG A 74 -12.48 -12.94 -17.15
CA ARG A 74 -11.03 -12.80 -17.07
C ARG A 74 -10.42 -13.06 -18.44
N ASP A 75 -9.32 -12.36 -18.69
CA ASP A 75 -8.58 -12.45 -19.95
C ASP A 75 -7.15 -12.85 -19.60
N ASN A 76 -6.82 -14.13 -19.76
CA ASN A 76 -5.55 -14.65 -19.26
C ASN A 76 -4.35 -14.19 -20.09
N THR A 77 -4.55 -13.82 -21.35
CA THR A 77 -3.44 -13.33 -22.16
C THR A 77 -3.03 -11.91 -21.79
N LYS A 78 -3.92 -11.16 -21.11
CA LYS A 78 -3.59 -9.84 -20.61
C LYS A 78 -3.41 -9.80 -19.10
N ASN A 79 -3.66 -10.91 -18.41
CA ASN A 79 -3.58 -10.98 -16.94
C ASN A 79 -4.47 -9.92 -16.30
N THR A 80 -5.70 -9.80 -16.80
CA THR A 80 -6.66 -8.82 -16.31
C THR A 80 -7.97 -9.50 -15.94
N LEU A 81 -8.61 -8.97 -14.91
CA LEU A 81 -9.91 -9.43 -14.45
C LEU A 81 -10.93 -8.31 -14.69
N TYR A 82 -12.18 -8.71 -14.94
CA TYR A 82 -13.22 -7.75 -15.28
C TYR A 82 -14.44 -7.93 -14.39
N LEU A 83 -15.04 -6.82 -14.00
CA LEU A 83 -16.28 -6.80 -13.22
C LEU A 83 -17.27 -5.90 -13.95
N GLU A 84 -18.10 -6.50 -14.79
CA GLU A 84 -19.10 -5.75 -15.53
C GLU A 84 -20.22 -5.34 -14.59
N MET A 85 -20.62 -4.07 -14.65
CA MET A 85 -21.66 -3.54 -13.75
C MET A 85 -22.80 -2.99 -14.58
N ASN A 86 -23.96 -3.64 -14.49
CA ASN A 86 -25.18 -3.20 -15.17
C ASN A 86 -26.28 -3.01 -14.13
N ASN A 87 -27.21 -2.10 -14.43
CA ASN A 87 -28.24 -1.68 -13.48
C ASN A 87 -27.60 -1.30 -12.15
N VAL A 88 -26.63 -0.38 -12.21
CA VAL A 88 -25.86 -0.02 -11.04
C VAL A 88 -26.73 0.84 -10.12
N ARG A 89 -26.85 0.42 -8.86
CA ARG A 89 -27.68 1.09 -7.88
C ARG A 89 -26.82 1.96 -6.98
N THR A 90 -27.47 2.82 -6.20
CA THR A 90 -26.74 3.70 -5.30
C THR A 90 -26.02 2.95 -4.19
N GLU A 91 -26.45 1.72 -3.88
CA GLU A 91 -25.80 0.91 -2.87
C GLU A 91 -24.49 0.29 -3.35
N ASP A 92 -24.21 0.35 -4.65
CA ASP A 92 -22.97 -0.15 -5.21
C ASP A 92 -21.81 0.81 -5.03
N THR A 93 -22.06 2.00 -4.49
CA THR A 93 -21.00 2.99 -4.28
C THR A 93 -19.97 2.47 -3.28
N GLY A 94 -18.70 2.55 -3.64
CA GLY A 94 -17.64 2.16 -2.74
C GLY A 94 -16.40 1.75 -3.48
N TYR A 95 -15.34 1.51 -2.69
CA TYR A 95 -14.08 1.04 -3.24
C TYR A 95 -14.17 -0.46 -3.54
N TYR A 96 -13.86 -0.85 -4.77
CA TYR A 96 -13.85 -2.26 -5.14
C TYR A 96 -12.42 -2.75 -5.23
N PHE A 97 -12.16 -3.91 -4.63
CA PHE A 97 -10.84 -4.51 -4.58
C PHE A 97 -10.84 -5.82 -5.34
N CYS A 98 -9.69 -6.16 -5.92
CA CYS A 98 -9.43 -7.47 -6.49
C CYS A 98 -8.33 -8.14 -5.69
N ALA A 99 -8.56 -9.41 -5.33
CA ALA A 99 -7.66 -10.12 -4.43
C ALA A 99 -7.36 -11.50 -4.97
N ARG A 100 -6.10 -11.91 -4.82
CA ARG A 100 -5.70 -13.28 -5.16
C ARG A 100 -6.27 -14.25 -4.14
N THR A 101 -7.09 -15.18 -4.61
CA THR A 101 -7.83 -16.09 -3.74
C THR A 101 -7.07 -17.40 -3.63
N GLY A 102 -6.73 -17.78 -2.40
CA GLY A 102 -6.12 -19.06 -2.13
C GLY A 102 -7.16 -20.06 -1.63
N LYS A 103 -6.87 -21.34 -1.85
CA LYS A 103 -7.76 -22.43 -1.47
C LYS A 103 -7.18 -23.18 -0.28
N TYR A 104 -8.00 -23.42 0.74
CA TYR A 104 -7.59 -24.16 1.91
C TYR A 104 -8.58 -25.28 2.19
N TYR A 105 -8.06 -26.43 2.63
CA TYR A 105 -8.91 -27.58 2.94
C TYR A 105 -8.07 -28.57 3.75
N ASP A 106 -8.25 -28.55 5.07
CA ASP A 106 -7.54 -29.49 5.93
C ASP A 106 -8.05 -30.90 5.69
N PHE A 107 -7.13 -31.84 5.53
CA PHE A 107 -7.51 -33.22 5.25
C PHE A 107 -8.15 -33.91 6.46
N TRP A 108 -7.74 -33.52 7.67
CA TRP A 108 -8.21 -34.22 8.86
C TRP A 108 -9.43 -33.59 9.52
N PHE A 109 -9.66 -32.29 9.35
CA PHE A 109 -10.75 -31.61 10.03
C PHE A 109 -11.52 -30.67 9.11
N GLY A 110 -11.16 -30.64 7.82
CA GLY A 110 -11.83 -29.80 6.86
C GLY A 110 -13.21 -30.31 6.50
N TYR A 111 -13.91 -29.50 5.71
CA TYR A 111 -15.25 -29.81 5.25
C TYR A 111 -15.39 -29.20 3.86
N PRO A 112 -15.89 -29.94 2.87
CA PRO A 112 -15.97 -29.40 1.53
C PRO A 112 -16.92 -28.23 1.47
N PRO A 113 -16.67 -27.25 0.58
CA PRO A 113 -15.55 -27.22 -0.37
C PRO A 113 -14.27 -26.61 0.20
N GLY A 114 -14.09 -26.69 1.50
CA GLY A 114 -12.98 -26.04 2.15
C GLY A 114 -13.26 -24.57 2.43
N GLU A 115 -12.17 -23.81 2.49
CA GLU A 115 -12.24 -22.39 2.82
C GLU A 115 -11.46 -21.60 1.78
N GLU A 116 -11.68 -20.29 1.77
CA GLU A 116 -11.01 -19.40 0.84
C GLU A 116 -10.48 -18.18 1.57
N TYR A 117 -9.25 -17.81 1.25
CA TYR A 117 -8.55 -16.72 1.88
C TYR A 117 -7.90 -15.86 0.80
N PHE A 118 -7.78 -14.57 1.08
CA PHE A 118 -7.41 -13.58 0.07
C PHE A 118 -6.00 -13.10 0.38
N GLN A 119 -5.02 -13.68 -0.31
CA GLN A 119 -3.60 -13.45 -0.03
C GLN A 119 -3.18 -12.02 -0.34
N ASP A 120 -3.20 -11.65 -1.61
CA ASP A 120 -2.71 -10.36 -2.06
C ASP A 120 -3.88 -9.50 -2.52
N TRP A 121 -3.88 -8.24 -2.09
CA TRP A 121 -4.96 -7.30 -2.34
C TRP A 121 -4.45 -6.15 -3.20
N GLY A 122 -5.34 -5.60 -4.02
CA GLY A 122 -5.08 -4.35 -4.67
C GLY A 122 -5.45 -3.17 -3.79
N GLN A 123 -5.09 -1.97 -4.22
CA GLN A 123 -5.42 -0.77 -3.47
C GLN A 123 -6.76 -0.16 -3.89
N GLY A 124 -7.46 -0.79 -4.82
CA GLY A 124 -8.87 -0.51 -5.04
C GLY A 124 -9.12 0.68 -5.97
N THR A 125 -10.34 0.72 -6.49
CA THR A 125 -10.83 1.80 -7.32
C THR A 125 -12.17 2.28 -6.77
N LEU A 126 -12.39 3.59 -6.84
CA LEU A 126 -13.58 4.20 -6.26
C LEU A 126 -14.69 4.28 -7.29
N VAL A 127 -15.89 3.87 -6.90
CA VAL A 127 -17.09 3.95 -7.73
C VAL A 127 -18.15 4.70 -6.94
N ILE A 128 -18.67 5.78 -7.51
CA ILE A 128 -19.69 6.61 -6.87
C ILE A 128 -20.94 6.57 -7.73
N VAL A 129 -22.09 6.33 -7.10
CA VAL A 129 -23.37 6.25 -7.79
C VAL A 129 -24.33 7.23 -7.13
N SER A 130 -24.79 8.22 -7.89
CA SER A 130 -25.67 9.25 -7.36
C SER A 130 -26.48 9.86 -8.49
N SER A 131 -27.66 10.37 -8.14
CA SER A 131 -28.56 10.99 -9.10
C SER A 131 -28.44 12.51 -9.15
N ALA A 132 -27.54 13.10 -8.37
CA ALA A 132 -27.38 14.54 -8.33
C ALA A 132 -26.31 14.99 -9.33
N SER A 133 -26.36 16.28 -9.66
CA SER A 133 -25.48 16.87 -10.66
C SER A 133 -24.61 17.94 -10.02
N THR A 134 -23.85 18.65 -10.86
CA THR A 134 -22.93 19.67 -10.39
C THR A 134 -23.70 20.82 -9.76
N LYS A 135 -23.30 21.19 -8.54
CA LYS A 135 -23.95 22.26 -7.81
C LYS A 135 -22.91 23.02 -6.99
N GLY A 136 -23.01 24.35 -6.99
CA GLY A 136 -22.11 25.19 -6.24
C GLY A 136 -22.53 25.35 -4.79
N PRO A 137 -21.56 25.62 -3.92
CA PRO A 137 -21.86 25.75 -2.49
C PRO A 137 -22.53 27.06 -2.13
N SER A 138 -23.18 27.07 -0.98
CA SER A 138 -23.76 28.26 -0.37
C SER A 138 -23.06 28.47 0.96
N VAL A 139 -22.08 29.37 0.99
CA VAL A 139 -21.26 29.58 2.18
C VAL A 139 -21.97 30.52 3.13
N PHE A 140 -22.15 30.09 4.37
CA PHE A 140 -22.77 30.91 5.40
C PHE A 140 -21.82 31.06 6.58
N PRO A 141 -21.69 32.27 7.13
CA PRO A 141 -20.70 32.49 8.19
C PRO A 141 -21.14 31.88 9.51
N LEU A 142 -20.19 31.82 10.44
CA LEU A 142 -20.41 31.27 11.78
C LEU A 142 -19.94 32.31 12.78
N ALA A 143 -20.89 32.97 13.44
CA ALA A 143 -20.55 34.05 14.35
C ALA A 143 -19.77 33.52 15.55
N PRO A 144 -18.77 34.26 16.04
CA PRO A 144 -17.94 33.84 17.18
C PRO A 144 -18.71 33.83 18.49
N GLY A 157 -16.17 30.43 12.03
CA GLY A 157 -15.97 29.57 10.88
C GLY A 157 -16.89 29.88 9.72
N CYS A 158 -16.93 28.99 8.74
CA CYS A 158 -17.77 29.14 7.56
C CYS A 158 -18.48 27.83 7.28
N LEU A 159 -19.81 27.90 7.13
CA LEU A 159 -20.64 26.73 6.84
C LEU A 159 -20.78 26.59 5.33
N VAL A 160 -20.05 25.62 4.76
CA VAL A 160 -20.12 25.30 3.34
C VAL A 160 -21.13 24.16 3.18
N LYS A 161 -22.32 24.49 2.69
CA LYS A 161 -23.43 23.55 2.61
C LYS A 161 -23.99 23.57 1.19
N ASP A 162 -24.66 22.47 0.82
CA ASP A 162 -25.31 22.30 -0.49
C ASP A 162 -24.28 22.48 -1.61
N TYR A 163 -23.36 21.52 -1.67
CA TYR A 163 -22.25 21.54 -2.61
C TYR A 163 -21.97 20.12 -3.07
N PHE A 164 -21.67 19.98 -4.36
CA PHE A 164 -21.50 18.67 -4.98
C PHE A 164 -20.98 18.86 -6.40
N PRO A 165 -19.94 18.13 -6.82
CA PRO A 165 -19.28 17.09 -6.04
C PRO A 165 -18.07 17.51 -5.19
N GLU A 166 -17.44 16.50 -4.59
CA GLU A 166 -16.12 16.69 -3.99
C GLU A 166 -15.13 17.09 -5.08
N PRO A 167 -14.03 17.76 -4.71
CA PRO A 167 -13.77 18.31 -3.38
C PRO A 167 -13.94 19.82 -3.31
N VAL A 168 -13.74 20.38 -2.13
CA VAL A 168 -13.65 21.82 -1.94
C VAL A 168 -12.42 22.11 -1.10
N THR A 169 -11.84 23.29 -1.30
CA THR A 169 -10.69 23.74 -0.51
C THR A 169 -11.05 25.04 0.18
N VAL A 170 -10.76 25.11 1.48
CA VAL A 170 -11.10 26.27 2.30
C VAL A 170 -9.82 26.82 2.91
N SER A 171 -9.48 28.05 2.58
CA SER A 171 -8.38 28.77 3.17
C SER A 171 -8.93 29.90 4.04
N TRP A 172 -8.01 30.68 4.62
CA TRP A 172 -8.38 31.78 5.50
C TRP A 172 -7.42 32.93 5.30
N ASN A 173 -7.96 34.10 4.94
CA ASN A 173 -7.17 35.30 4.68
C ASN A 173 -6.13 35.04 3.59
N SER A 174 -6.59 34.47 2.48
CA SER A 174 -5.74 34.10 1.36
C SER A 174 -4.59 33.20 1.80
N SER A 179 -2.97 28.38 11.88
CA SER A 179 -2.99 28.07 13.31
C SER A 179 -4.41 28.14 13.86
N GLY A 180 -4.87 27.06 14.47
CA GLY A 180 -6.23 26.97 14.98
C GLY A 180 -7.28 26.71 13.93
N VAL A 181 -6.89 26.49 12.68
CA VAL A 181 -7.82 26.24 11.58
C VAL A 181 -8.01 24.73 11.45
N HIS A 182 -9.25 24.31 11.19
CA HIS A 182 -9.53 22.90 10.94
C HIS A 182 -10.70 22.81 9.98
N THR A 183 -10.50 22.10 8.87
CA THR A 183 -11.56 21.81 7.92
C THR A 183 -11.98 20.36 8.08
N PHE A 184 -13.25 20.14 8.39
CA PHE A 184 -13.74 18.80 8.66
C PHE A 184 -14.01 18.04 7.36
N PRO A 185 -14.03 16.71 7.43
CA PRO A 185 -14.52 15.93 6.29
C PRO A 185 -16.00 16.20 6.07
N ALA A 186 -16.43 16.05 4.83
CA ALA A 186 -17.80 16.39 4.45
C ALA A 186 -18.75 15.23 4.71
N VAL A 187 -19.99 15.56 5.05
CA VAL A 187 -21.04 14.58 5.28
C VAL A 187 -21.95 14.54 4.07
N LEU A 188 -22.13 13.35 3.51
CA LEU A 188 -23.10 13.13 2.45
C LEU A 188 -24.47 13.01 3.10
N GLN A 189 -25.17 14.14 3.19
CA GLN A 189 -26.48 14.13 3.82
C GLN A 189 -27.51 13.49 2.91
N SER A 190 -28.71 13.26 3.45
CA SER A 190 -29.71 12.40 2.82
C SER A 190 -30.13 12.87 1.44
N SER A 191 -29.85 14.12 1.07
CA SER A 191 -30.25 14.65 -0.24
C SER A 191 -29.21 14.40 -1.33
N GLY A 192 -28.11 13.71 -1.01
CA GLY A 192 -27.06 13.49 -1.98
C GLY A 192 -26.05 14.62 -2.09
N LEU A 193 -26.25 15.71 -1.36
CA LEU A 193 -25.33 16.84 -1.37
C LEU A 193 -24.43 16.78 -0.14
N TYR A 194 -23.17 17.15 -0.31
CA TYR A 194 -22.23 17.14 0.80
C TYR A 194 -22.34 18.44 1.60
N SER A 195 -21.73 18.43 2.79
CA SER A 195 -21.75 19.58 3.67
C SER A 195 -20.61 19.46 4.67
N LEU A 196 -19.88 20.56 4.86
CA LEU A 196 -18.81 20.60 5.85
C LEU A 196 -18.75 21.99 6.46
N SER A 197 -17.96 22.10 7.53
CA SER A 197 -17.67 23.36 8.18
C SER A 197 -16.16 23.48 8.37
N SER A 198 -15.69 24.73 8.41
CA SER A 198 -14.27 25.03 8.61
C SER A 198 -14.18 26.08 9.71
N VAL A 199 -13.96 25.63 10.94
CA VAL A 199 -13.93 26.50 12.11
C VAL A 199 -12.50 26.91 12.39
N VAL A 200 -12.34 28.12 12.95
CA VAL A 200 -11.04 28.64 13.34
C VAL A 200 -11.16 29.18 14.76
N THR A 201 -10.23 28.77 15.62
CA THR A 201 -10.18 29.23 17.00
C THR A 201 -9.23 30.41 17.11
N VAL A 202 -9.77 31.57 17.46
CA VAL A 202 -8.97 32.79 17.63
C VAL A 202 -9.22 33.34 19.03
N PRO A 203 -8.28 34.10 19.57
CA PRO A 203 -8.47 34.67 20.90
C PRO A 203 -9.67 35.62 20.93
N SER A 204 -10.35 35.65 22.08
CA SER A 204 -11.53 36.49 22.26
C SER A 204 -11.18 37.97 22.28
N SER A 205 -9.90 38.34 22.39
CA SER A 205 -9.48 39.73 22.37
C SER A 205 -9.16 40.24 20.97
N SER A 206 -9.31 39.40 19.95
CA SER A 206 -9.02 39.80 18.58
C SER A 206 -10.27 39.76 17.72
N ILE A 213 -11.59 36.36 6.67
CA ILE A 213 -12.33 36.00 5.46
C ILE A 213 -11.92 34.62 4.97
N CYS A 214 -12.89 33.72 4.86
CA CYS A 214 -12.64 32.37 4.37
C CYS A 214 -12.82 32.33 2.86
N ASN A 215 -11.88 31.68 2.17
CA ASN A 215 -11.90 31.55 0.72
C ASN A 215 -12.29 30.11 0.39
N VAL A 216 -13.46 29.93 -0.21
CA VAL A 216 -13.99 28.61 -0.55
C VAL A 216 -13.97 28.46 -2.06
N ASN A 217 -13.40 27.36 -2.55
CA ASN A 217 -13.30 27.08 -3.97
C ASN A 217 -14.01 25.77 -4.27
N HIS A 218 -14.65 25.70 -5.43
CA HIS A 218 -15.30 24.47 -5.89
C HIS A 218 -15.11 24.39 -7.40
N LYS A 219 -14.05 23.70 -7.82
CA LYS A 219 -13.74 23.64 -9.25
C LYS A 219 -14.80 22.91 -10.07
N PRO A 220 -15.46 21.83 -9.62
CA PRO A 220 -16.44 21.19 -10.51
C PRO A 220 -17.56 22.11 -10.96
N SER A 221 -17.92 23.11 -10.15
CA SER A 221 -18.88 24.12 -10.53
C SER A 221 -18.23 25.45 -10.86
N ASN A 222 -16.90 25.55 -10.72
CA ASN A 222 -16.15 26.78 -11.00
C ASN A 222 -16.69 27.94 -10.17
N THR A 223 -16.66 27.76 -8.85
CA THR A 223 -17.22 28.71 -7.90
C THR A 223 -16.18 29.09 -6.87
N LYS A 224 -16.00 30.39 -6.68
CA LYS A 224 -15.12 30.92 -5.64
C LYS A 224 -15.90 31.91 -4.79
N VAL A 225 -15.91 31.69 -3.48
CA VAL A 225 -16.64 32.53 -2.53
C VAL A 225 -15.67 33.01 -1.47
N ASP A 226 -15.70 34.32 -1.20
CA ASP A 226 -14.81 34.96 -0.22
C ASP A 226 -15.69 35.64 0.83
N LYS A 227 -16.15 34.86 1.81
CA LYS A 227 -17.07 35.35 2.81
C LYS A 227 -16.33 35.81 4.06
N LYS A 228 -16.75 36.97 4.59
CA LYS A 228 -16.18 37.52 5.81
C LYS A 228 -17.03 37.12 7.01
N VAL A 229 -16.36 36.82 8.11
CA VAL A 229 -17.03 36.46 9.37
C VAL A 229 -16.96 37.66 10.31
N GLU A 230 -18.11 38.06 10.85
CA GLU A 230 -18.21 39.20 11.73
C GLU A 230 -19.12 38.87 12.91
N PRO A 231 -18.81 39.39 14.12
CA PRO A 231 -19.61 39.16 15.32
C PRO A 231 -21.05 39.63 15.17
N SER B 1 -24.00 -11.43 6.09
CA SER B 1 -23.56 -11.10 7.44
C SER B 1 -23.71 -12.31 8.37
N GLU B 2 -23.36 -13.49 7.87
CA GLU B 2 -23.42 -14.70 8.69
C GLU B 2 -22.35 -14.71 9.76
N LEU B 3 -21.33 -13.86 9.64
CA LEU B 3 -20.24 -13.80 10.62
C LEU B 3 -20.47 -12.58 11.51
N THR B 4 -20.68 -12.84 12.81
CA THR B 4 -20.90 -11.79 13.80
C THR B 4 -19.59 -11.45 14.49
N GLN B 5 -19.38 -10.16 14.74
CA GLN B 5 -18.08 -9.68 15.18
C GLN B 5 -18.28 -8.44 16.04
N ASP B 6 -17.31 -8.15 16.89
CA ASP B 6 -17.42 -6.98 17.76
C ASP B 6 -17.20 -5.70 16.95
N PRO B 7 -18.03 -4.68 17.15
CA PRO B 7 -17.89 -3.44 16.38
C PRO B 7 -16.65 -2.64 16.76
N ALA B 8 -16.40 -2.47 18.06
CA ALA B 8 -15.28 -1.68 18.53
C ALA B 8 -14.70 -2.32 19.78
N VAL B 9 -13.39 -2.54 19.78
CA VAL B 9 -12.67 -3.12 20.91
C VAL B 9 -11.46 -2.24 21.20
N SER B 10 -11.23 -1.96 22.48
CA SER B 10 -10.11 -1.13 22.91
C SER B 10 -9.03 -2.00 23.56
N VAL B 11 -7.80 -1.50 23.51
CA VAL B 11 -6.65 -2.22 24.06
C VAL B 11 -5.61 -1.21 24.53
N ALA B 12 -5.08 -1.43 25.73
CA ALA B 12 -3.97 -0.63 26.21
C ALA B 12 -2.69 -1.03 25.49
N LEU B 13 -1.71 -0.13 25.50
CA LEU B 13 -0.47 -0.36 24.77
C LEU B 13 0.29 -1.53 25.36
N LYS B 14 0.69 -2.46 24.50
CA LYS B 14 1.49 -3.65 24.87
C LYS B 14 0.73 -4.58 25.81
N GLN B 15 -0.57 -4.74 25.58
CA GLN B 15 -1.36 -5.77 26.25
C GLN B 15 -2.01 -6.68 25.21
N THR B 16 -2.65 -7.73 25.70
CA THR B 16 -3.21 -8.78 24.84
C THR B 16 -4.73 -8.66 24.80
N VAL B 17 -5.28 -8.63 23.59
CA VAL B 17 -6.72 -8.59 23.36
C VAL B 17 -7.07 -9.50 22.20
N THR B 18 -8.14 -10.26 22.36
CA THR B 18 -8.61 -11.21 21.35
C THR B 18 -9.88 -10.68 20.70
N ILE B 19 -9.90 -10.67 19.37
CA ILE B 19 -11.06 -10.28 18.60
C ILE B 19 -11.84 -11.53 18.20
N THR B 20 -13.12 -11.55 18.53
CA THR B 20 -13.96 -12.73 18.32
C THR B 20 -14.84 -12.55 17.08
N CYS B 21 -14.88 -13.59 16.25
CA CYS B 21 -15.78 -13.67 15.10
C CYS B 21 -16.65 -14.90 15.26
N ARG B 22 -17.97 -14.72 15.22
CA ARG B 22 -18.91 -15.80 15.44
C ARG B 22 -19.79 -16.00 14.20
N GLY B 23 -20.04 -17.27 13.88
CA GLY B 23 -20.88 -17.63 12.75
C GLY B 23 -21.21 -19.10 12.74
N ASP B 24 -22.42 -19.45 12.29
CA ASP B 24 -22.84 -20.84 12.31
C ASP B 24 -22.00 -21.69 11.34
N SER B 25 -21.45 -21.08 10.29
CA SER B 25 -20.58 -21.78 9.36
C SER B 25 -19.20 -22.07 9.93
N LEU B 26 -18.82 -21.40 11.03
CA LEU B 26 -17.50 -21.65 11.64
C LEU B 26 -17.40 -23.00 12.32
N ARG B 27 -18.52 -23.69 12.53
CA ARG B 27 -18.48 -25.05 13.06
C ARG B 27 -17.97 -26.05 12.05
N SER B 28 -17.89 -25.68 10.77
CA SER B 28 -17.43 -26.56 9.72
C SER B 28 -16.29 -26.00 8.88
N HIS B 29 -16.06 -24.69 8.90
CA HIS B 29 -15.05 -24.07 8.06
C HIS B 29 -14.16 -23.17 8.89
N TYR B 30 -12.89 -23.09 8.49
CA TYR B 30 -11.94 -22.21 9.15
C TYR B 30 -12.20 -20.76 8.75
N ALA B 31 -11.60 -19.85 9.51
CA ALA B 31 -11.75 -18.42 9.28
C ALA B 31 -10.40 -17.79 8.98
N SER B 32 -10.42 -16.76 8.12
CA SER B 32 -9.23 -16.01 7.76
C SER B 32 -9.39 -14.56 8.20
N TRP B 33 -8.28 -13.94 8.58
CA TRP B 33 -8.28 -12.62 9.19
C TRP B 33 -7.55 -11.62 8.31
N TYR B 34 -7.98 -10.35 8.39
CA TYR B 34 -7.48 -9.32 7.50
C TYR B 34 -7.36 -8.01 8.27
N GLN B 35 -6.28 -7.28 8.03
CA GLN B 35 -6.06 -5.97 8.62
C GLN B 35 -6.34 -4.90 7.59
N LYS B 36 -7.23 -3.97 7.92
CA LYS B 36 -7.63 -2.90 7.01
C LYS B 36 -7.37 -1.55 7.69
N LYS B 37 -6.30 -0.87 7.25
CA LYS B 37 -6.04 0.49 7.70
C LYS B 37 -6.71 1.49 6.76
N PRO B 38 -7.11 2.66 7.27
CA PRO B 38 -7.78 3.65 6.42
C PRO B 38 -6.87 4.11 5.30
N GLY B 39 -7.29 3.83 4.06
CA GLY B 39 -6.53 4.25 2.90
C GLY B 39 -5.44 3.30 2.47
N GLN B 40 -5.48 2.05 2.93
CA GLN B 40 -4.49 1.05 2.57
C GLN B 40 -5.18 -0.25 2.20
N ALA B 41 -4.50 -1.05 1.39
CA ALA B 41 -5.03 -2.33 0.97
C ALA B 41 -5.08 -3.30 2.15
N PRO B 42 -6.09 -4.17 2.20
CA PRO B 42 -6.16 -5.16 3.28
C PRO B 42 -4.95 -6.09 3.25
N VAL B 43 -4.60 -6.60 4.43
CA VAL B 43 -3.46 -7.50 4.59
C VAL B 43 -3.96 -8.78 5.24
N LEU B 44 -3.79 -9.91 4.54
CA LEU B 44 -4.08 -11.20 5.13
C LEU B 44 -3.17 -11.47 6.32
N LEU B 45 -3.76 -11.71 7.48
CA LEU B 45 -3.01 -11.93 8.71
C LEU B 45 -2.88 -13.39 9.09
N PHE B 46 -3.96 -14.16 8.93
CA PHE B 46 -4.02 -15.52 9.44
C PHE B 46 -5.09 -16.25 8.66
N TYR B 47 -4.86 -17.53 8.41
CA TYR B 47 -5.84 -18.34 7.70
C TYR B 47 -5.61 -19.80 8.07
N GLY B 48 -6.46 -20.66 7.51
CA GLY B 48 -6.34 -22.09 7.73
C GLY B 48 -6.50 -22.43 9.20
N LYS B 49 -5.87 -23.55 9.59
CA LYS B 49 -5.90 -23.98 10.98
C LYS B 49 -4.82 -23.31 11.81
N ASN B 50 -3.64 -23.07 11.24
CA ASN B 50 -2.55 -22.39 11.92
C ASN B 50 -1.49 -21.92 10.92
N ASN B 51 -1.87 -21.01 10.03
CA ASN B 51 -0.99 -20.55 8.95
C ASN B 51 -0.85 -19.04 9.04
N ARG B 52 0.38 -18.58 9.31
CA ARG B 52 0.69 -17.15 9.35
C ARG B 52 1.56 -16.81 8.14
N PRO B 53 1.13 -15.92 7.25
CA PRO B 53 1.99 -15.54 6.12
C PRO B 53 3.25 -14.84 6.61
N SER B 54 4.35 -15.09 5.90
CA SER B 54 5.62 -14.47 6.24
C SER B 54 5.54 -12.95 6.05
N GLY B 55 6.36 -12.23 6.81
CA GLY B 55 6.29 -10.79 6.85
C GLY B 55 5.32 -10.20 7.85
N ILE B 56 4.66 -11.05 8.63
CA ILE B 56 3.65 -10.67 9.63
C ILE B 56 4.25 -10.91 11.01
N PRO B 57 4.01 -10.05 12.01
CA PRO B 57 4.70 -10.26 13.27
C PRO B 57 4.08 -11.42 14.00
N ASP B 58 4.93 -12.16 14.74
CA ASP B 58 4.48 -13.38 15.39
C ASP B 58 3.45 -13.13 16.48
N ARG B 59 3.24 -11.87 16.87
CA ARG B 59 2.25 -11.58 17.91
C ARG B 59 0.82 -11.83 17.45
N PHE B 60 0.58 -12.00 16.16
CA PHE B 60 -0.73 -12.42 15.69
C PHE B 60 -0.86 -13.94 15.77
N SER B 61 -2.02 -14.40 16.20
CA SER B 61 -2.28 -15.83 16.31
C SER B 61 -3.79 -16.05 16.29
N GLY B 62 -4.18 -17.25 15.87
CA GLY B 62 -5.58 -17.57 15.73
C GLY B 62 -6.05 -18.74 16.57
N SER B 63 -7.36 -18.83 16.78
CA SER B 63 -7.95 -19.92 17.54
C SER B 63 -9.39 -20.09 17.09
N ALA B 64 -9.94 -21.27 17.34
CA ALA B 64 -11.31 -21.58 16.93
C ALA B 64 -11.89 -22.64 17.85
N SER B 65 -13.19 -22.53 18.10
CA SER B 65 -13.91 -23.51 18.91
C SER B 65 -15.40 -23.37 18.62
N GLY B 66 -16.01 -24.44 18.14
CA GLY B 66 -17.44 -24.39 17.84
C GLY B 66 -17.74 -23.39 16.74
N ASN B 67 -18.68 -22.48 17.02
CA ASN B 67 -19.05 -21.43 16.09
C ASN B 67 -18.31 -20.13 16.35
N ARG B 68 -17.15 -20.18 17.00
CA ARG B 68 -16.40 -19.00 17.38
C ARG B 68 -14.98 -19.08 16.84
N ALA B 69 -14.56 -18.01 16.16
CA ALA B 69 -13.19 -17.86 15.66
C ALA B 69 -12.58 -16.63 16.31
N SER B 70 -11.29 -16.74 16.68
CA SER B 70 -10.65 -15.72 17.50
C SER B 70 -9.28 -15.38 16.94
N LEU B 71 -9.02 -14.08 16.79
CA LEU B 71 -7.69 -13.55 16.49
C LEU B 71 -7.10 -12.96 17.75
N THR B 72 -5.83 -13.29 18.03
CA THR B 72 -5.19 -12.89 19.27
C THR B 72 -3.98 -12.02 18.94
N ILE B 73 -3.94 -10.83 19.53
CA ILE B 73 -2.84 -9.89 19.39
C ILE B 73 -2.16 -9.80 20.74
N THR B 74 -0.91 -10.27 20.82
CA THR B 74 -0.16 -10.31 22.07
C THR B 74 0.75 -9.09 22.12
N GLY B 75 0.49 -8.19 23.07
CA GLY B 75 1.26 -6.96 23.18
C GLY B 75 1.01 -6.02 22.03
N ALA B 76 -0.20 -5.46 21.97
CA ALA B 76 -0.57 -4.60 20.86
C ALA B 76 0.28 -3.33 20.84
N GLN B 77 0.63 -2.89 19.64
CA GLN B 77 1.46 -1.73 19.41
C GLN B 77 0.66 -0.65 18.69
N ALA B 78 1.31 0.47 18.39
CA ALA B 78 0.61 1.59 17.76
C ALA B 78 0.14 1.24 16.35
N GLU B 79 1.01 0.62 15.56
CA GLU B 79 0.65 0.20 14.22
C GLU B 79 -0.43 -0.87 14.19
N ASP B 80 -0.70 -1.53 15.32
CA ASP B 80 -1.74 -2.55 15.37
C ASP B 80 -3.15 -1.98 15.41
N GLU B 81 -3.30 -0.65 15.42
CA GLU B 81 -4.61 -0.02 15.45
C GLU B 81 -5.15 0.08 14.02
N ALA B 82 -6.22 -0.64 13.73
CA ALA B 82 -6.81 -0.68 12.40
C ALA B 82 -8.17 -1.35 12.48
N ASP B 83 -8.71 -1.73 11.33
CA ASP B 83 -9.95 -2.49 11.24
C ASP B 83 -9.62 -3.93 10.86
N TYR B 84 -10.13 -4.87 11.65
CA TYR B 84 -9.86 -6.28 11.44
C TYR B 84 -11.14 -7.00 11.03
N TYR B 85 -11.03 -7.88 10.05
CA TYR B 85 -12.17 -8.59 9.50
C TYR B 85 -11.90 -10.09 9.50
N CYS B 86 -12.96 -10.87 9.67
CA CYS B 86 -12.94 -12.31 9.51
C CYS B 86 -13.67 -12.68 8.22
N SER B 87 -13.38 -13.88 7.72
CA SER B 87 -14.04 -14.36 6.51
C SER B 87 -14.06 -15.88 6.52
N SER B 88 -15.10 -16.43 5.94
CA SER B 88 -15.29 -17.87 5.80
C SER B 88 -16.48 -18.08 4.87
N ARG B 89 -16.90 -19.33 4.72
CA ARG B 89 -18.09 -19.62 3.94
C ARG B 89 -19.32 -19.03 4.62
N ASP B 90 -20.31 -18.66 3.80
CA ASP B 90 -21.57 -18.19 4.36
C ASP B 90 -22.37 -19.33 4.99
N LYS B 91 -22.26 -20.52 4.42
CA LYS B 91 -22.97 -21.69 4.93
C LYS B 91 -22.08 -22.92 4.80
N SER B 92 -22.43 -23.98 5.52
CA SER B 92 -21.68 -25.22 5.44
C SER B 92 -21.85 -25.85 4.07
N GLY B 93 -20.74 -26.15 3.41
CA GLY B 93 -20.77 -26.73 2.08
C GLY B 93 -21.05 -25.76 0.97
N SER B 94 -21.22 -24.48 1.26
CA SER B 94 -21.52 -23.49 0.24
C SER B 94 -20.26 -23.04 -0.47
N ARG B 95 -20.41 -22.68 -1.74
CA ARG B 95 -19.32 -22.16 -2.55
C ARG B 95 -19.18 -20.65 -2.45
N LEU B 96 -19.91 -20.00 -1.56
CA LEU B 96 -19.89 -18.56 -1.40
C LEU B 96 -19.05 -18.18 -0.18
N SER B 97 -18.40 -17.03 -0.26
CA SER B 97 -17.65 -16.48 0.86
C SER B 97 -18.32 -15.22 1.36
N VAL B 98 -17.94 -14.80 2.57
CA VAL B 98 -18.52 -13.63 3.21
C VAL B 98 -17.57 -13.15 4.29
N PHE B 99 -17.56 -11.84 4.51
CA PHE B 99 -16.78 -11.23 5.58
C PHE B 99 -17.67 -11.00 6.79
N GLY B 100 -17.05 -10.53 7.88
CA GLY B 100 -17.79 -10.12 9.05
C GLY B 100 -18.06 -8.63 9.06
N GLY B 101 -18.81 -8.20 10.07
CA GLY B 101 -19.10 -6.78 10.23
C GLY B 101 -17.84 -5.95 10.39
N GLY B 102 -16.87 -6.45 11.14
CA GLY B 102 -15.61 -5.77 11.31
C GLY B 102 -15.42 -5.28 12.73
N THR B 103 -14.16 -5.24 13.17
CA THR B 103 -13.79 -4.78 14.50
C THR B 103 -12.87 -3.58 14.39
N LYS B 104 -13.27 -2.47 14.99
CA LYS B 104 -12.40 -1.31 15.14
C LYS B 104 -11.58 -1.49 16.41
N LEU B 105 -10.31 -1.86 16.24
CA LEU B 105 -9.40 -2.02 17.38
C LEU B 105 -8.66 -0.72 17.59
N THR B 106 -8.94 -0.04 18.70
CA THR B 106 -8.29 1.21 19.07
C THR B 106 -7.21 0.92 20.10
N VAL B 107 -5.97 1.30 19.79
CA VAL B 107 -4.85 1.14 20.70
C VAL B 107 -4.66 2.45 21.44
N LEU B 108 -4.60 2.37 22.78
CA LEU B 108 -4.49 3.55 23.63
C LEU B 108 -3.00 3.85 23.83
N SER B 109 -2.45 4.68 22.94
CA SER B 109 -1.04 5.04 22.99
C SER B 109 -0.82 6.54 23.02
N GLN B 110 -1.88 7.35 23.11
CA GLN B 110 -1.78 8.79 23.16
C GLN B 110 -2.37 9.31 24.48
N PRO B 111 -1.91 10.46 24.97
CA PRO B 111 -2.51 11.04 26.16
C PRO B 111 -3.97 11.41 25.91
N LYS B 112 -4.85 10.92 26.79
CA LYS B 112 -6.28 11.00 26.55
C LYS B 112 -6.77 12.43 26.77
N ALA B 113 -7.42 13.00 25.75
CA ALA B 113 -7.87 14.38 25.78
C ALA B 113 -9.39 14.43 25.79
N ALA B 114 -9.95 15.27 26.66
CA ALA B 114 -11.39 15.46 26.70
C ALA B 114 -11.84 16.35 25.54
N PRO B 115 -13.05 16.11 25.01
CA PRO B 115 -13.49 16.86 23.84
C PRO B 115 -13.82 18.31 24.18
N SER B 116 -13.59 19.18 23.21
CA SER B 116 -13.93 20.60 23.30
C SER B 116 -15.12 20.84 22.38
N VAL B 117 -16.29 21.05 22.98
CA VAL B 117 -17.55 21.14 22.24
C VAL B 117 -17.91 22.60 22.05
N THR B 118 -18.41 22.93 20.86
CA THR B 118 -18.86 24.29 20.55
C THR B 118 -20.08 24.20 19.64
N LEU B 119 -21.16 24.87 20.04
CA LEU B 119 -22.42 24.85 19.30
C LEU B 119 -22.63 26.20 18.62
N PHE B 120 -22.90 26.16 17.32
CA PHE B 120 -23.06 27.36 16.51
C PHE B 120 -24.52 27.58 16.16
N PRO B 121 -25.09 28.74 16.48
CA PRO B 121 -26.46 29.03 16.07
C PRO B 121 -26.55 29.31 14.59
N PRO B 122 -27.74 29.26 14.01
CA PRO B 122 -27.87 29.55 12.57
C PRO B 122 -27.58 31.01 12.28
N SER B 123 -26.74 31.26 11.27
CA SER B 123 -26.43 32.62 10.88
C SER B 123 -27.67 33.30 10.31
N SER B 124 -27.82 34.59 10.62
CA SER B 124 -28.98 35.34 10.12
C SER B 124 -29.00 35.38 8.60
N GLU B 125 -27.83 35.29 7.97
CA GLU B 125 -27.78 35.26 6.51
C GLU B 125 -28.33 33.96 5.95
N GLU B 126 -28.27 32.88 6.74
CA GLU B 126 -28.83 31.60 6.31
C GLU B 126 -30.33 31.54 6.53
N LEU B 127 -30.81 32.13 7.64
CA LEU B 127 -32.25 32.14 7.90
C LEU B 127 -33.01 32.91 6.83
N GLN B 128 -32.39 33.95 6.26
CA GLN B 128 -33.06 34.72 5.23
C GLN B 128 -33.18 33.95 3.92
N ALA B 129 -32.34 32.93 3.72
CA ALA B 129 -32.48 32.01 2.60
C ALA B 129 -33.49 30.90 2.87
N ASN B 130 -34.30 31.05 3.91
CA ASN B 130 -35.35 30.08 4.27
C ASN B 130 -34.74 28.71 4.60
N LYS B 131 -33.58 28.73 5.26
CA LYS B 131 -32.92 27.51 5.72
C LYS B 131 -32.29 27.77 7.08
N ALA B 132 -31.95 26.67 7.76
CA ALA B 132 -31.34 26.76 9.08
C ALA B 132 -30.55 25.47 9.33
N THR B 133 -29.39 25.61 9.95
CA THR B 133 -28.54 24.46 10.24
C THR B 133 -27.74 24.73 11.51
N LEU B 134 -27.80 23.79 12.45
CA LEU B 134 -27.04 23.87 13.70
C LEU B 134 -25.76 23.05 13.56
N VAL B 135 -24.62 23.69 13.76
CA VAL B 135 -23.32 23.05 13.64
C VAL B 135 -22.77 22.81 15.04
N CYS B 136 -22.28 21.59 15.30
CA CYS B 136 -21.74 21.23 16.60
C CYS B 136 -20.25 20.91 16.43
N LEU B 137 -19.41 21.82 16.90
CA LEU B 137 -17.97 21.59 16.89
C LEU B 137 -17.56 20.62 17.98
N ILE B 138 -16.79 19.60 17.59
CA ILE B 138 -16.17 18.68 18.55
C ILE B 138 -14.72 18.47 18.14
N SER B 139 -13.80 19.22 18.75
CA SER B 139 -12.40 19.17 18.37
C SER B 139 -11.53 18.87 19.58
N ASP B 140 -10.29 18.46 19.31
CA ASP B 140 -9.30 18.20 20.35
C ASP B 140 -9.78 17.14 21.33
N PHE B 141 -9.73 15.87 20.93
CA PHE B 141 -10.11 14.79 21.82
C PHE B 141 -9.40 13.51 21.40
N TYR B 142 -9.37 12.55 22.33
CA TYR B 142 -8.76 11.25 22.07
C TYR B 142 -9.34 10.24 23.05
N PRO B 143 -9.71 9.03 22.60
CA PRO B 143 -9.63 8.58 21.21
C PRO B 143 -10.76 9.09 20.34
N GLY B 144 -10.78 8.66 19.08
CA GLY B 144 -11.82 9.10 18.15
C GLY B 144 -13.10 8.32 18.28
N ALA B 145 -13.85 8.57 19.35
CA ALA B 145 -15.12 7.88 19.58
C ALA B 145 -16.00 8.80 20.41
N VAL B 146 -17.00 9.41 19.76
CA VAL B 146 -17.91 10.34 20.42
C VAL B 146 -19.34 9.96 20.06
N THR B 147 -20.25 10.14 21.02
CA THR B 147 -21.68 9.92 20.82
C THR B 147 -22.38 11.28 20.81
N VAL B 148 -22.96 11.63 19.66
CA VAL B 148 -23.60 12.92 19.47
C VAL B 148 -25.11 12.73 19.57
N ALA B 149 -25.75 13.53 20.41
CA ALA B 149 -27.20 13.52 20.57
C ALA B 149 -27.72 14.95 20.58
N TRP B 150 -28.90 15.14 20.00
CA TRP B 150 -29.53 16.45 19.86
C TRP B 150 -30.83 16.47 20.64
N LYS B 151 -30.97 17.46 21.52
CA LYS B 151 -32.16 17.62 22.34
C LYS B 151 -32.85 18.94 21.99
N ALA B 152 -34.14 18.86 21.67
CA ALA B 152 -34.98 20.04 21.54
C ALA B 152 -35.51 20.38 22.93
N ASP B 153 -35.06 21.51 23.48
CA ASP B 153 -35.31 21.87 24.87
C ASP B 153 -34.80 20.77 25.80
N SER B 154 -35.64 19.77 26.08
CA SER B 154 -35.23 18.63 26.87
C SER B 154 -35.55 17.29 26.22
N SER B 155 -36.31 17.27 25.12
CA SER B 155 -36.66 16.07 24.38
C SER B 155 -35.69 15.84 23.24
N PRO B 156 -35.23 14.60 23.04
CA PRO B 156 -34.27 14.24 21.98
C PRO B 156 -34.78 14.58 20.58
N VAL B 161 -30.16 14.88 11.36
CA VAL B 161 -28.84 14.87 11.97
C VAL B 161 -27.82 14.31 10.98
N GLU B 162 -26.70 15.01 10.82
CA GLU B 162 -25.64 14.60 9.91
C GLU B 162 -24.32 14.77 10.64
N THR B 163 -23.65 13.65 10.96
CA THR B 163 -22.47 13.66 11.80
C THR B 163 -21.27 13.13 11.02
N THR B 164 -20.11 13.74 11.23
CA THR B 164 -18.88 13.32 10.60
C THR B 164 -18.31 12.08 11.30
N THR B 165 -17.19 11.58 10.76
CA THR B 165 -16.36 10.55 11.36
C THR B 165 -15.10 11.20 11.92
N PRO B 166 -14.75 10.92 13.18
CA PRO B 166 -13.58 11.59 13.79
C PRO B 166 -12.31 11.35 12.98
N SER B 167 -11.76 12.45 12.47
CA SER B 167 -10.55 12.43 11.65
C SER B 167 -9.40 13.09 12.39
N LYS B 168 -8.19 12.79 11.95
CA LYS B 168 -6.99 13.33 12.59
C LYS B 168 -6.94 14.85 12.44
N GLN B 169 -6.14 15.47 13.30
CA GLN B 169 -6.04 16.93 13.37
C GLN B 169 -4.56 17.32 13.24
N SER B 170 -4.25 18.61 13.36
CA SER B 170 -2.86 19.06 13.19
C SER B 170 -1.96 18.64 14.36
N ASN B 171 -2.53 18.28 15.51
CA ASN B 171 -1.76 17.88 16.68
C ASN B 171 -2.04 16.43 17.06
N ASN B 172 -2.28 15.57 16.07
CA ASN B 172 -2.57 14.14 16.23
C ASN B 172 -3.80 13.87 17.09
N LYS B 173 -4.58 14.89 17.39
CA LYS B 173 -5.85 14.70 18.08
C LYS B 173 -6.93 14.44 17.03
N TYR B 174 -8.15 14.19 17.50
CA TYR B 174 -9.27 13.96 16.59
C TYR B 174 -10.24 15.13 16.62
N ALA B 175 -11.02 15.25 15.55
CA ALA B 175 -12.03 16.28 15.44
C ALA B 175 -13.20 15.73 14.65
N ALA B 176 -14.39 16.21 14.99
CA ALA B 176 -15.61 15.76 14.33
C ALA B 176 -16.69 16.82 14.50
N SER B 177 -17.55 16.93 13.50
CA SER B 177 -18.66 17.88 13.55
C SER B 177 -19.98 17.15 13.35
N SER B 178 -21.05 17.80 13.80
CA SER B 178 -22.40 17.27 13.67
C SER B 178 -23.33 18.39 13.25
N TYR B 179 -24.28 18.06 12.38
CA TYR B 179 -25.16 19.06 11.78
C TYR B 179 -26.61 18.69 12.05
N LEU B 180 -27.46 19.72 12.13
CA LEU B 180 -28.89 19.53 12.36
C LEU B 180 -29.65 20.46 11.43
N SER B 181 -30.38 19.88 10.48
CA SER B 181 -31.15 20.65 9.52
C SER B 181 -32.56 20.88 10.05
N LEU B 182 -32.92 22.14 10.26
CA LEU B 182 -34.23 22.52 10.76
C LEU B 182 -34.82 23.61 9.87
N THR B 183 -36.15 23.66 9.82
CA THR B 183 -36.82 24.74 9.14
C THR B 183 -36.67 26.03 9.94
N PRO B 184 -36.70 27.19 9.28
CA PRO B 184 -36.48 28.46 10.00
C PRO B 184 -37.46 28.71 11.13
N GLU B 185 -38.65 28.11 11.09
CA GLU B 185 -39.65 28.31 12.13
C GLU B 185 -39.56 27.27 13.24
N GLN B 186 -38.88 26.14 13.01
CA GLN B 186 -38.61 25.20 14.09
C GLN B 186 -37.51 25.71 15.01
N TRP B 187 -36.54 26.44 14.46
CA TRP B 187 -35.55 27.12 15.29
C TRP B 187 -36.21 28.08 16.29
N LYS B 188 -37.37 28.63 15.93
CA LYS B 188 -38.07 29.56 16.79
C LYS B 188 -39.24 28.93 17.53
N SER B 189 -39.61 27.69 17.20
CA SER B 189 -40.70 27.00 17.88
C SER B 189 -40.26 26.33 19.18
N HIS B 190 -38.96 26.30 19.46
CA HIS B 190 -38.45 25.77 20.72
C HIS B 190 -37.59 26.83 21.39
N ARG B 191 -37.34 26.62 22.68
CA ARG B 191 -36.59 27.61 23.46
C ARG B 191 -35.10 27.33 23.50
N SER B 192 -34.67 26.11 23.16
CA SER B 192 -33.25 25.78 23.21
C SER B 192 -33.00 24.47 22.47
N TYR B 193 -31.84 24.39 21.83
CA TYR B 193 -31.34 23.16 21.23
C TYR B 193 -29.96 22.86 21.79
N SER B 194 -29.70 21.58 22.06
CA SER B 194 -28.47 21.17 22.71
C SER B 194 -27.75 20.12 21.87
N CYS B 195 -26.46 19.97 22.13
CA CYS B 195 -25.61 18.98 21.45
C CYS B 195 -24.95 18.12 22.53
N GLN B 196 -25.53 16.95 22.80
CA GLN B 196 -24.95 16.02 23.76
C GLN B 196 -23.73 15.34 23.16
N VAL B 197 -22.64 15.27 23.92
CA VAL B 197 -21.38 14.69 23.46
C VAL B 197 -20.89 13.75 24.56
N THR B 198 -20.97 12.44 24.30
CA THR B 198 -20.51 11.43 25.24
C THR B 198 -19.13 10.95 24.81
N HIS B 199 -18.16 11.05 25.73
CA HIS B 199 -16.79 10.64 25.47
C HIS B 199 -16.23 10.01 26.73
N GLU B 200 -15.79 8.76 26.64
CA GLU B 200 -15.26 8.00 27.78
C GLU B 200 -16.28 7.92 28.92
N GLY B 201 -17.57 7.90 28.58
CA GLY B 201 -18.63 7.89 29.55
C GLY B 201 -19.04 9.27 30.04
N SER B 202 -18.11 10.21 30.08
CA SER B 202 -18.42 11.57 30.51
C SER B 202 -19.15 12.32 29.40
N THR B 203 -20.21 13.03 29.76
CA THR B 203 -21.07 13.71 28.81
C THR B 203 -20.91 15.21 28.95
N VAL B 204 -20.72 15.89 27.81
CA VAL B 204 -20.58 17.34 27.76
C VAL B 204 -21.75 17.90 26.95
N GLU B 205 -22.22 19.07 27.36
CA GLU B 205 -23.39 19.69 26.73
C GLU B 205 -23.13 21.16 26.45
N LYS B 206 -23.54 21.61 25.27
CA LYS B 206 -23.58 23.01 24.91
C LYS B 206 -24.95 23.34 24.34
N THR B 207 -25.42 24.56 24.60
CA THR B 207 -26.78 24.94 24.24
C THR B 207 -26.80 26.38 23.75
N VAL B 208 -27.49 26.62 22.64
CA VAL B 208 -27.72 27.95 22.11
C VAL B 208 -29.22 28.19 22.04
N ALA B 209 -29.60 29.46 21.91
CA ALA B 209 -31.01 29.84 21.89
C ALA B 209 -31.16 31.08 21.01
N PRO B 210 -32.34 31.25 20.38
CA PRO B 210 -32.61 32.43 19.55
C PRO B 210 -32.55 33.73 20.35
N GLU C 1 -6.34 9.38 3.17
CA GLU C 1 -7.08 9.69 1.95
C GLU C 1 -6.15 9.74 0.74
N VAL C 2 -4.85 9.84 0.99
CA VAL C 2 -3.89 10.05 -0.08
C VAL C 2 -3.81 8.81 -0.97
N ARG C 3 -3.89 9.01 -2.28
CA ARG C 3 -3.79 7.94 -3.25
C ARG C 3 -3.00 8.41 -4.45
N LEU C 4 -2.07 7.56 -4.90
CA LEU C 4 -1.21 7.86 -6.04
C LEU C 4 -1.18 6.65 -6.97
N ARG C 5 -1.36 6.89 -8.26
CA ARG C 5 -1.38 5.82 -9.27
C ARG C 5 -0.38 6.15 -10.37
N GLU C 6 0.73 5.43 -10.39
CA GLU C 6 1.63 5.49 -11.54
C GLU C 6 1.07 4.67 -12.69
N SER C 7 1.40 5.09 -13.92
CA SER C 7 0.89 4.41 -15.10
C SER C 7 1.76 4.79 -16.29
N GLY C 8 1.60 4.04 -17.37
CA GLY C 8 2.30 4.32 -18.61
C GLY C 8 3.61 3.58 -18.80
N GLY C 9 3.84 2.51 -18.06
CA GLY C 9 5.08 1.75 -18.18
C GLY C 9 4.94 0.59 -19.15
N GLY C 10 6.06 -0.09 -19.35
CA GLY C 10 6.10 -1.26 -20.21
C GLY C 10 7.43 -1.36 -20.92
N LEU C 11 7.41 -2.04 -22.06
CA LEU C 11 8.61 -2.24 -22.85
C LEU C 11 8.88 -1.04 -23.75
N VAL C 12 10.16 -0.70 -23.90
CA VAL C 12 10.57 0.35 -24.80
C VAL C 12 12.02 0.12 -25.17
N LYS C 13 12.33 0.35 -26.44
CA LYS C 13 13.66 0.07 -26.93
C LYS C 13 14.59 1.27 -26.69
N PRO C 14 15.90 1.05 -26.67
CA PRO C 14 16.82 2.17 -26.44
C PRO C 14 16.67 3.24 -27.50
N GLY C 15 16.87 4.49 -27.09
CA GLY C 15 16.62 5.62 -27.94
C GLY C 15 15.16 5.98 -28.13
N GLY C 16 14.25 5.14 -27.65
CA GLY C 16 12.83 5.42 -27.75
C GLY C 16 12.40 6.50 -26.78
N SER C 17 11.08 6.64 -26.67
CA SER C 17 10.48 7.67 -25.82
C SER C 17 9.28 7.09 -25.10
N LEU C 18 8.94 7.69 -23.97
CA LEU C 18 7.83 7.23 -23.15
C LEU C 18 7.36 8.38 -22.27
N ARG C 19 6.06 8.41 -21.99
CA ARG C 19 5.45 9.44 -21.16
C ARG C 19 4.74 8.77 -19.99
N LEU C 20 5.25 8.98 -18.78
CA LEU C 20 4.67 8.41 -17.59
C LEU C 20 3.70 9.39 -16.95
N SER C 21 2.71 8.85 -16.24
CA SER C 21 1.67 9.66 -15.61
C SER C 21 1.46 9.20 -14.17
N CYS C 22 1.17 10.17 -13.30
CA CYS C 22 0.85 9.91 -11.90
C CYS C 22 -0.36 10.75 -11.53
N SER C 23 -1.52 10.10 -11.46
CA SER C 23 -2.74 10.78 -11.02
C SER C 23 -2.81 10.78 -9.50
N ALA C 24 -3.36 11.87 -8.94
CA ALA C 24 -3.40 12.06 -7.50
C ALA C 24 -4.78 12.51 -7.08
N SER C 25 -5.14 12.21 -5.82
CA SER C 25 -6.41 12.62 -5.25
C SER C 25 -6.39 12.46 -3.75
N GLY C 26 -7.02 13.40 -3.04
CA GLY C 26 -7.21 13.31 -1.61
C GLY C 26 -6.55 14.41 -0.81
N PHE C 27 -5.93 15.36 -1.49
CA PHE C 27 -5.26 16.45 -0.80
C PHE C 27 -5.24 17.66 -1.72
N ASP C 28 -4.43 18.65 -1.39
CA ASP C 28 -4.41 19.81 -2.28
C ASP C 28 -3.27 19.65 -3.28
N PHE C 29 -3.64 19.24 -4.49
CA PHE C 29 -2.63 18.97 -5.51
C PHE C 29 -2.10 20.25 -6.14
N ASP C 30 -2.90 21.32 -6.16
CA ASP C 30 -2.51 22.51 -6.92
C ASP C 30 -1.35 23.25 -6.26
N ASN C 31 -1.14 23.05 -4.96
CA ASN C 31 -0.05 23.72 -4.25
C ASN C 31 1.02 22.76 -3.75
N ALA C 32 0.79 21.45 -3.83
CA ALA C 32 1.76 20.48 -3.35
C ALA C 32 2.84 20.23 -4.39
N TRP C 33 4.07 20.01 -3.93
CA TRP C 33 5.16 19.67 -4.82
C TRP C 33 5.16 18.17 -5.09
N MET C 34 5.67 17.78 -6.25
CA MET C 34 5.67 16.39 -6.68
C MET C 34 7.06 16.01 -7.17
N THR C 35 7.47 14.78 -6.90
CA THR C 35 8.82 14.32 -7.16
C THR C 35 8.81 12.94 -7.78
N TRP C 36 9.63 12.75 -8.81
CA TRP C 36 9.86 11.44 -9.41
C TRP C 36 11.12 10.82 -8.84
N VAL C 37 11.02 9.56 -8.41
CA VAL C 37 12.14 8.79 -7.90
C VAL C 37 12.13 7.43 -8.59
N ARG C 38 13.30 6.95 -9.00
CA ARG C 38 13.40 5.67 -9.68
C ARG C 38 14.30 4.71 -8.92
N GLN C 39 14.09 3.43 -9.16
CA GLN C 39 14.92 2.38 -8.58
C GLN C 39 15.20 1.29 -9.61
N PRO C 40 16.46 1.10 -10.00
CA PRO C 40 16.80 -0.03 -10.88
C PRO C 40 16.48 -1.35 -10.20
N PRO C 41 16.34 -2.43 -10.96
CA PRO C 41 16.05 -3.73 -10.34
C PRO C 41 17.22 -4.21 -9.48
N GLY C 42 16.98 -4.35 -8.19
CA GLY C 42 18.01 -4.81 -7.28
C GLY C 42 19.06 -3.80 -6.93
N LYS C 43 18.76 -2.51 -7.01
CA LYS C 43 19.70 -1.47 -6.63
C LYS C 43 18.96 -0.41 -5.81
N GLY C 44 19.55 0.78 -5.71
CA GLY C 44 19.06 1.78 -4.81
C GLY C 44 18.13 2.79 -5.45
N LEU C 45 17.49 3.58 -4.58
CA LEU C 45 16.63 4.66 -5.04
C LEU C 45 17.46 5.79 -5.64
N GLU C 46 16.87 6.49 -6.59
CA GLU C 46 17.55 7.59 -7.27
C GLU C 46 16.56 8.72 -7.51
N TRP C 47 16.92 9.91 -7.06
CA TRP C 47 16.08 11.10 -7.26
C TRP C 47 16.12 11.49 -8.73
N VAL C 48 14.98 11.39 -9.41
CA VAL C 48 14.93 11.80 -10.81
C VAL C 48 14.75 13.30 -10.93
N GLY C 49 13.76 13.85 -10.24
CA GLY C 49 13.48 15.27 -10.28
C GLY C 49 12.12 15.60 -9.71
N ARG C 50 11.88 16.88 -9.41
CA ARG C 50 10.61 17.30 -8.86
C ARG C 50 10.07 18.47 -9.67
N ILE C 51 8.82 18.83 -9.40
CA ILE C 51 8.22 20.05 -9.89
C ILE C 51 7.70 20.84 -8.70
N THR C 52 7.95 22.15 -8.70
CA THR C 52 7.57 23.00 -7.58
C THR C 52 6.11 23.43 -7.67
N GLY C 53 5.77 24.54 -7.00
CA GLY C 53 4.40 24.99 -6.94
C GLY C 53 4.19 26.34 -7.61
N PRO C 54 3.06 26.98 -7.31
CA PRO C 54 2.75 28.25 -7.98
C PRO C 54 3.64 29.40 -7.56
N GLY C 55 3.98 29.50 -6.27
CA GLY C 55 4.81 30.59 -5.80
C GLY C 55 6.20 30.61 -6.40
N GLU C 56 6.66 29.48 -6.93
CA GLU C 56 8.01 29.35 -7.46
C GLU C 56 8.04 29.41 -8.99
N GLY C 57 6.90 29.71 -9.62
CA GLY C 57 6.85 29.71 -11.07
C GLY C 57 6.75 28.33 -11.70
N TRP C 58 6.30 27.33 -10.94
CA TRP C 58 6.18 25.96 -11.40
C TRP C 58 7.51 25.41 -11.89
N SER C 59 8.61 25.88 -11.31
CA SER C 59 9.94 25.51 -11.75
C SER C 59 10.20 24.02 -11.50
N VAL C 60 11.13 23.47 -12.27
CA VAL C 60 11.46 22.05 -12.23
C VAL C 60 12.97 21.90 -12.11
N ASP C 61 13.40 20.96 -11.28
CA ASP C 61 14.80 20.62 -11.11
C ASP C 61 15.02 19.16 -11.46
N TYR C 62 16.09 18.88 -12.20
CA TYR C 62 16.37 17.56 -12.74
C TYR C 62 17.66 17.01 -12.17
N ALA C 63 17.85 15.70 -12.31
CA ALA C 63 19.07 15.06 -11.86
C ALA C 63 20.16 15.18 -12.92
N GLU C 64 21.41 15.13 -12.47
CA GLU C 64 22.53 15.33 -13.38
C GLU C 64 22.60 14.21 -14.43
N SER C 65 22.25 12.99 -14.04
CA SER C 65 22.17 11.86 -14.97
C SER C 65 20.86 11.83 -15.73
N VAL C 66 20.18 12.96 -15.83
CA VAL C 66 18.81 13.03 -16.35
C VAL C 66 18.64 14.26 -17.22
N LYS C 67 19.41 15.31 -16.92
CA LYS C 67 19.27 16.59 -17.61
C LYS C 67 19.38 16.43 -19.12
N GLY C 68 18.46 17.07 -19.84
CA GLY C 68 18.43 17.07 -21.28
C GLY C 68 17.51 16.04 -21.89
N ARG C 69 17.33 14.89 -21.24
CA ARG C 69 16.53 13.80 -21.79
C ARG C 69 15.12 13.75 -21.23
N PHE C 70 14.94 13.94 -19.93
CA PHE C 70 13.63 13.85 -19.32
C PHE C 70 13.04 15.24 -19.12
N THR C 71 11.71 15.30 -19.05
CA THR C 71 10.99 16.53 -18.75
C THR C 71 9.86 16.22 -17.78
N ILE C 72 9.65 17.11 -16.81
CA ILE C 72 8.61 16.97 -15.80
C ILE C 72 7.63 18.12 -15.96
N SER C 73 6.34 17.79 -16.04
CA SER C 73 5.28 18.79 -16.12
C SER C 73 4.11 18.31 -15.27
N ARG C 74 3.05 19.11 -15.24
CA ARG C 74 1.89 18.79 -14.42
C ARG C 74 0.65 19.44 -15.03
N ASP C 75 -0.51 18.96 -14.60
CA ASP C 75 -1.80 19.45 -15.10
C ASP C 75 -2.75 19.50 -13.90
N ASN C 76 -2.96 20.70 -13.36
CA ASN C 76 -3.81 20.85 -12.18
C ASN C 76 -5.27 20.55 -12.47
N THR C 77 -5.70 20.66 -13.73
CA THR C 77 -7.10 20.40 -14.05
C THR C 77 -7.44 18.93 -13.88
N LYS C 78 -6.51 18.04 -14.24
CA LYS C 78 -6.73 16.60 -14.15
C LYS C 78 -5.99 15.95 -12.99
N ASN C 79 -5.23 16.73 -12.20
CA ASN C 79 -4.53 16.25 -11.02
C ASN C 79 -3.56 15.12 -11.37
N THR C 80 -2.86 15.26 -12.48
CA THR C 80 -1.93 14.25 -12.95
C THR C 80 -0.53 14.84 -13.10
N LEU C 81 0.46 14.06 -12.70
CA LEU C 81 1.87 14.40 -12.89
C LEU C 81 2.40 13.67 -14.11
N TYR C 82 3.32 14.30 -14.83
CA TYR C 82 3.84 13.75 -16.08
C TYR C 82 5.36 13.67 -16.04
N LEU C 83 5.89 12.61 -16.64
CA LEU C 83 7.33 12.42 -16.79
C LEU C 83 7.58 11.88 -18.21
N GLU C 84 7.95 12.77 -19.11
CA GLU C 84 8.31 12.39 -20.48
C GLU C 84 9.79 12.08 -20.53
N MET C 85 10.12 10.88 -21.02
CA MET C 85 11.51 10.42 -21.05
C MET C 85 11.88 10.11 -22.50
N ASN C 86 12.94 10.74 -22.97
CA ASN C 86 13.32 10.73 -24.38
C ASN C 86 14.76 10.22 -24.52
N ASN C 87 15.04 9.60 -25.67
CA ASN C 87 16.33 8.97 -25.92
C ASN C 87 16.74 8.11 -24.73
N VAL C 88 15.92 7.10 -24.48
CA VAL C 88 16.06 6.28 -23.28
C VAL C 88 17.14 5.23 -23.49
N ARG C 89 17.85 4.92 -22.42
CA ARG C 89 18.91 3.92 -22.44
C ARG C 89 18.63 2.82 -21.44
N THR C 90 19.45 1.77 -21.48
CA THR C 90 19.24 0.60 -20.64
C THR C 90 19.60 0.84 -19.17
N GLU C 91 20.28 1.95 -18.87
CA GLU C 91 20.55 2.26 -17.46
C GLU C 91 19.34 2.85 -16.76
N ASP C 92 18.47 3.55 -17.51
CA ASP C 92 17.30 4.24 -16.98
C ASP C 92 16.15 3.28 -16.61
N THR C 93 16.40 1.97 -16.67
CA THR C 93 15.39 0.98 -16.35
C THR C 93 15.11 0.93 -14.85
N GLY C 94 13.85 0.74 -14.49
CA GLY C 94 13.46 0.60 -13.11
C GLY C 94 12.08 1.16 -12.88
N TYR C 95 11.57 0.92 -11.67
CA TYR C 95 10.28 1.51 -11.29
C TYR C 95 10.47 2.99 -11.02
N TYR C 96 9.61 3.81 -11.63
CA TYR C 96 9.55 5.24 -11.36
C TYR C 96 8.42 5.51 -10.38
N PHE C 97 8.73 6.18 -9.27
CA PHE C 97 7.77 6.50 -8.24
C PHE C 97 7.49 8.00 -8.23
N CYS C 98 6.24 8.36 -7.95
CA CYS C 98 5.84 9.74 -7.75
C CYS C 98 5.54 9.96 -6.27
N ALA C 99 6.16 10.97 -5.68
CA ALA C 99 6.09 11.18 -4.24
C ALA C 99 5.71 12.62 -3.95
N ARG C 100 4.77 12.82 -3.02
CA ARG C 100 4.43 14.18 -2.61
C ARG C 100 5.54 14.74 -1.74
N THR C 101 6.10 15.87 -2.16
CA THR C 101 7.26 16.45 -1.52
C THR C 101 6.84 17.43 -0.43
N GLY C 102 7.41 17.26 0.76
CA GLY C 102 7.23 18.21 1.84
C GLY C 102 8.39 19.19 1.89
N LYS C 103 8.11 20.37 2.43
CA LYS C 103 9.09 21.45 2.53
C LYS C 103 9.45 21.63 4.00
N TYR C 104 10.74 21.53 4.31
CA TYR C 104 11.22 21.70 5.68
C TYR C 104 12.32 22.76 5.70
N TYR C 105 12.27 23.61 6.72
CA TYR C 105 13.28 24.67 6.88
C TYR C 105 13.33 25.06 8.35
N ASP C 106 14.43 24.74 9.01
CA ASP C 106 14.63 25.12 10.41
C ASP C 106 15.04 26.59 10.45
N PHE C 107 14.21 27.42 11.11
CA PHE C 107 14.47 28.84 11.20
C PHE C 107 15.82 29.15 11.82
N TRP C 108 16.27 28.31 12.77
CA TRP C 108 17.46 28.61 13.57
C TRP C 108 18.71 27.93 13.02
N PHE C 109 18.73 26.60 13.00
CA PHE C 109 19.91 25.86 12.57
C PHE C 109 19.87 25.47 11.10
N GLY C 110 18.71 25.58 10.45
CA GLY C 110 18.60 25.13 9.08
C GLY C 110 19.28 26.08 8.10
N TYR C 111 19.81 25.49 7.03
CA TYR C 111 20.50 26.26 5.99
C TYR C 111 19.65 26.26 4.74
N PRO C 112 19.48 27.40 4.07
CA PRO C 112 18.59 27.43 2.90
C PRO C 112 19.17 26.62 1.76
N PRO C 113 18.32 26.10 0.86
CA PRO C 113 16.86 26.23 0.86
C PRO C 113 16.14 25.14 1.64
N GLY C 114 16.66 24.79 2.82
CA GLY C 114 16.02 23.75 3.60
C GLY C 114 16.25 22.38 2.99
N GLU C 115 15.29 21.48 3.22
CA GLU C 115 15.38 20.11 2.75
C GLU C 115 14.04 19.71 2.13
N GLU C 116 14.07 18.60 1.38
CA GLU C 116 12.88 18.05 0.76
C GLU C 116 12.71 16.61 1.24
N TYR C 117 11.52 16.30 1.75
CA TYR C 117 11.19 14.96 2.21
C TYR C 117 9.93 14.48 1.52
N PHE C 118 9.84 13.17 1.34
CA PHE C 118 8.90 12.56 0.40
C PHE C 118 7.84 11.82 1.23
N GLN C 119 6.72 12.50 1.47
CA GLN C 119 5.74 12.02 2.45
C GLN C 119 5.02 10.77 1.93
N ASP C 120 4.29 10.91 0.84
CA ASP C 120 3.42 9.86 0.33
C ASP C 120 3.96 9.32 -0.98
N TRP C 121 3.77 8.02 -1.20
CA TRP C 121 4.40 7.30 -2.29
C TRP C 121 3.36 6.46 -3.03
N GLY C 122 3.44 6.47 -4.36
CA GLY C 122 2.73 5.49 -5.14
C GLY C 122 3.53 4.21 -5.28
N GLN C 123 2.85 3.12 -5.61
CA GLN C 123 3.52 1.82 -5.68
C GLN C 123 4.20 1.57 -7.02
N GLY C 124 4.34 2.60 -7.86
CA GLY C 124 5.26 2.58 -8.97
C GLY C 124 4.75 1.89 -10.21
N THR C 125 5.52 2.03 -11.29
CA THR C 125 5.25 1.38 -12.57
C THR C 125 6.57 0.93 -13.18
N LEU C 126 6.55 -0.23 -13.84
CA LEU C 126 7.74 -0.83 -14.41
C LEU C 126 8.01 -0.29 -15.80
N VAL C 127 9.26 0.13 -16.03
CA VAL C 127 9.73 0.57 -17.35
C VAL C 127 11.00 -0.20 -17.65
N ILE C 128 10.91 -1.16 -18.57
CA ILE C 128 12.06 -1.96 -18.99
C ILE C 128 12.58 -1.40 -20.31
N VAL C 129 13.89 -1.23 -20.41
CA VAL C 129 14.53 -0.66 -21.59
C VAL C 129 15.63 -1.62 -22.02
N SER C 130 15.38 -2.38 -23.07
CA SER C 130 16.37 -3.31 -23.60
C SER C 130 16.10 -3.54 -25.07
N SER C 131 17.17 -3.63 -25.86
CA SER C 131 17.09 -3.79 -27.31
C SER C 131 16.66 -5.19 -27.73
N ALA C 132 16.19 -6.05 -26.85
CA ALA C 132 15.73 -7.38 -27.21
C ALA C 132 14.22 -7.40 -27.35
N SER C 133 13.72 -8.45 -28.00
CA SER C 133 12.29 -8.63 -28.20
C SER C 133 11.83 -10.01 -27.76
N THR C 134 10.60 -10.38 -28.09
CA THR C 134 10.03 -11.63 -27.63
C THR C 134 10.84 -12.82 -28.15
N LYS C 135 11.06 -13.80 -27.27
CA LYS C 135 11.84 -14.99 -27.62
C LYS C 135 11.49 -16.11 -26.65
N GLY C 136 11.11 -17.27 -27.18
CA GLY C 136 10.75 -18.41 -26.37
C GLY C 136 11.95 -19.03 -25.69
N PRO C 137 11.73 -19.69 -24.56
CA PRO C 137 12.83 -20.32 -23.83
C PRO C 137 13.19 -21.69 -24.40
N SER C 138 14.31 -22.22 -23.91
CA SER C 138 14.77 -23.56 -24.26
C SER C 138 14.90 -24.36 -22.96
N VAL C 139 14.28 -25.53 -22.93
CA VAL C 139 14.23 -26.36 -21.73
C VAL C 139 15.27 -27.46 -21.84
N PHE C 140 16.22 -27.49 -20.91
CA PHE C 140 17.23 -28.53 -20.89
C PHE C 140 17.14 -29.32 -19.59
N PRO C 141 17.30 -30.65 -19.65
CA PRO C 141 17.19 -31.44 -18.43
C PRO C 141 18.45 -31.36 -17.58
N LEU C 142 18.27 -31.57 -16.28
CA LEU C 142 19.38 -31.57 -15.34
C LEU C 142 19.45 -32.90 -14.58
N LEU C 159 16.19 -26.79 -16.80
CA LEU C 159 16.96 -25.60 -17.15
C LEU C 159 16.29 -24.77 -18.25
N VAL C 160 15.66 -23.68 -17.86
CA VAL C 160 15.15 -22.70 -18.82
C VAL C 160 16.26 -21.68 -19.06
N LYS C 161 16.39 -21.23 -20.30
CA LYS C 161 17.51 -20.39 -20.67
C LYS C 161 17.17 -19.57 -21.91
N ASP C 162 17.66 -18.33 -21.93
CA ASP C 162 17.53 -17.43 -23.08
C ASP C 162 16.07 -17.22 -23.46
N TYR C 163 15.36 -16.40 -22.68
CA TYR C 163 14.00 -16.01 -23.00
C TYR C 163 13.82 -14.55 -22.61
N PHE C 164 12.77 -13.95 -23.19
CA PHE C 164 12.45 -12.55 -22.98
C PHE C 164 11.09 -12.29 -23.63
N PRO C 165 10.16 -11.61 -22.94
CA PRO C 165 10.30 -11.03 -21.60
C PRO C 165 9.88 -11.95 -20.47
N GLU C 166 9.94 -11.41 -19.24
CA GLU C 166 9.35 -12.06 -18.08
C GLU C 166 7.83 -12.17 -18.26
N PRO C 167 7.19 -13.12 -17.57
CA PRO C 167 7.79 -14.19 -16.77
C PRO C 167 7.68 -15.55 -17.45
N VAL C 168 8.17 -16.58 -16.77
CA VAL C 168 7.93 -17.98 -17.16
C VAL C 168 7.46 -18.73 -15.91
N THR C 169 6.42 -19.53 -16.07
CA THR C 169 5.88 -20.33 -14.98
C THR C 169 6.35 -21.76 -15.11
N VAL C 170 6.92 -22.30 -14.04
CA VAL C 170 7.48 -23.65 -14.02
C VAL C 170 6.74 -24.47 -12.98
N SER C 171 6.18 -25.60 -13.41
CA SER C 171 5.53 -26.55 -12.52
C SER C 171 6.01 -27.95 -12.85
N TRP C 172 5.68 -28.90 -11.97
CA TRP C 172 6.15 -30.27 -12.08
C TRP C 172 4.95 -31.22 -12.14
N ASN C 173 4.97 -32.12 -13.12
CA ASN C 173 3.94 -33.13 -13.28
C ASN C 173 2.55 -32.52 -13.42
N SER C 174 2.46 -31.45 -14.20
CA SER C 174 1.20 -30.75 -14.46
C SER C 174 0.52 -30.32 -13.16
N THR C 178 4.64 -30.93 -5.63
CA THR C 178 5.19 -29.62 -5.26
C THR C 178 5.67 -29.59 -3.81
N SER C 179 6.10 -30.75 -3.32
CA SER C 179 6.76 -30.87 -2.02
C SER C 179 8.27 -30.92 -2.25
N GLY C 180 8.98 -29.92 -1.75
CA GLY C 180 10.39 -29.79 -2.01
C GLY C 180 10.73 -29.09 -3.31
N VAL C 181 9.73 -28.66 -4.07
CA VAL C 181 9.96 -27.93 -5.32
C VAL C 181 10.29 -26.48 -5.01
N HIS C 182 11.33 -25.97 -5.65
CA HIS C 182 11.70 -24.56 -5.53
C HIS C 182 12.08 -24.03 -6.90
N THR C 183 11.56 -22.84 -7.24
CA THR C 183 11.87 -22.16 -8.48
C THR C 183 12.64 -20.89 -8.16
N PHE C 184 13.82 -20.76 -8.73
CA PHE C 184 14.69 -19.62 -8.44
C PHE C 184 14.28 -18.40 -9.26
N PRO C 185 14.58 -17.20 -8.78
CA PRO C 185 14.35 -16.01 -9.60
C PRO C 185 15.28 -15.97 -10.79
N ALA C 186 14.85 -15.26 -11.82
CA ALA C 186 15.58 -15.22 -13.07
C ALA C 186 16.71 -14.20 -13.01
N VAL C 187 17.75 -14.44 -13.80
CA VAL C 187 18.90 -13.55 -13.90
C VAL C 187 18.92 -12.94 -15.30
N LEU C 188 19.15 -11.63 -15.37
CA LEU C 188 19.25 -10.93 -16.65
C LEU C 188 20.68 -11.07 -17.15
N GLN C 189 20.89 -11.97 -18.11
CA GLN C 189 22.21 -12.21 -18.65
C GLN C 189 22.68 -10.99 -19.46
N SER C 190 23.98 -10.99 -19.78
CA SER C 190 24.57 -9.88 -20.51
C SER C 190 24.03 -9.78 -21.94
N SER C 191 23.53 -10.88 -22.49
CA SER C 191 22.97 -10.85 -23.83
C SER C 191 21.61 -10.19 -23.89
N GLY C 192 21.01 -9.85 -22.74
CA GLY C 192 19.70 -9.23 -22.69
C GLY C 192 18.55 -10.17 -22.46
N LEU C 193 18.82 -11.47 -22.32
CA LEU C 193 17.79 -12.47 -22.14
C LEU C 193 17.72 -12.87 -20.67
N TYR C 194 16.88 -13.85 -20.35
CA TYR C 194 16.69 -14.29 -18.98
C TYR C 194 16.91 -15.79 -18.85
N SER C 195 17.08 -16.24 -17.62
CA SER C 195 17.32 -17.65 -17.31
C SER C 195 17.09 -17.88 -15.82
N LEU C 196 16.35 -18.93 -15.49
CA LEU C 196 16.15 -19.31 -14.08
C LEU C 196 16.23 -20.82 -13.99
N SER C 197 15.94 -21.34 -12.80
CA SER C 197 16.00 -22.79 -12.57
C SER C 197 14.91 -23.17 -11.57
N SER C 198 14.53 -24.44 -11.61
CA SER C 198 13.53 -24.96 -10.69
C SER C 198 13.80 -26.43 -10.37
N SER C 204 16.30 -40.90 -3.29
CA SER C 204 17.25 -41.53 -4.19
C SER C 204 16.74 -42.89 -4.66
N SER C 205 15.80 -43.47 -3.91
CA SER C 205 15.24 -44.75 -4.29
C SER C 205 14.12 -44.61 -5.31
N SER C 206 13.44 -43.46 -5.34
CA SER C 206 12.35 -43.21 -6.27
C SER C 206 12.82 -42.48 -7.53
N LEU C 207 14.09 -42.65 -7.91
CA LEU C 207 14.61 -41.94 -9.07
C LEU C 207 14.19 -42.61 -10.38
N GLY C 208 14.20 -43.94 -10.42
CA GLY C 208 13.85 -44.66 -11.64
C GLY C 208 12.41 -45.10 -11.68
N THR C 209 11.81 -45.32 -10.51
CA THR C 209 10.45 -45.81 -10.41
C THR C 209 9.42 -44.67 -10.36
N GLN C 210 9.77 -43.50 -10.90
CA GLN C 210 8.88 -42.34 -10.88
C GLN C 210 9.23 -41.36 -11.99
N ILE C 213 8.06 -34.70 -14.65
CA ILE C 213 7.88 -33.91 -15.86
C ILE C 213 7.76 -32.43 -15.50
N CYS C 214 8.76 -31.65 -15.90
CA CYS C 214 8.73 -30.21 -15.66
C CYS C 214 7.90 -29.51 -16.73
N ASN C 215 7.16 -28.49 -16.31
CA ASN C 215 6.28 -27.74 -17.19
C ASN C 215 6.80 -26.32 -17.32
N VAL C 216 6.92 -25.85 -18.56
CA VAL C 216 7.44 -24.50 -18.84
C VAL C 216 6.48 -23.81 -19.78
N ASN C 217 5.95 -22.66 -19.35
CA ASN C 217 5.01 -21.87 -20.13
C ASN C 217 5.56 -20.46 -20.28
N HIS C 218 5.55 -19.95 -21.51
CA HIS C 218 5.95 -18.59 -21.82
C HIS C 218 4.80 -17.91 -22.53
N LYS C 219 4.13 -16.99 -21.84
CA LYS C 219 2.92 -16.39 -22.41
C LYS C 219 3.22 -15.43 -23.56
N PRO C 220 4.18 -14.50 -23.45
CA PRO C 220 4.43 -13.58 -24.58
C PRO C 220 4.84 -14.28 -25.87
N SER C 221 5.20 -15.55 -25.85
CA SER C 221 5.56 -16.28 -27.06
C SER C 221 4.70 -17.51 -27.30
N ASN C 222 3.75 -17.81 -26.42
CA ASN C 222 2.88 -18.98 -26.54
C ASN C 222 3.70 -20.26 -26.65
N THR C 223 4.69 -20.39 -25.77
CA THR C 223 5.61 -21.53 -25.78
C THR C 223 5.31 -22.39 -24.55
N LYS C 224 4.63 -23.51 -24.78
CA LYS C 224 4.37 -24.51 -23.75
C LYS C 224 5.21 -25.75 -24.05
N VAL C 225 6.22 -25.99 -23.23
CA VAL C 225 7.16 -27.08 -23.42
C VAL C 225 7.25 -27.90 -22.15
N ASP C 226 7.04 -29.21 -22.27
CA ASP C 226 7.23 -30.15 -21.18
C ASP C 226 8.44 -31.01 -21.45
N LYS C 227 9.06 -31.51 -20.38
CA LYS C 227 10.22 -32.38 -20.53
C LYS C 227 10.33 -33.28 -19.31
N LYS C 228 10.68 -34.54 -19.56
CA LYS C 228 10.86 -35.52 -18.49
C LYS C 228 12.32 -35.56 -18.03
N GLU D 2 28.37 11.27 -2.54
CA GLU D 2 27.91 12.37 -1.69
C GLU D 2 27.41 11.85 -0.35
N LEU D 3 26.22 11.26 -0.33
CA LEU D 3 25.67 10.66 0.87
C LEU D 3 26.14 9.21 0.95
N THR D 4 27.06 8.95 1.88
CA THR D 4 27.71 7.65 2.00
C THR D 4 27.12 6.86 3.17
N GLN D 5 26.86 5.59 2.95
CA GLN D 5 26.33 4.69 3.96
C GLN D 5 27.12 3.40 3.99
N ASP D 6 26.84 2.58 5.01
CA ASP D 6 27.31 1.21 5.00
C ASP D 6 26.35 0.35 4.18
N PRO D 7 26.87 -0.56 3.35
CA PRO D 7 25.97 -1.32 2.47
C PRO D 7 25.10 -2.32 3.20
N ALA D 8 25.65 -3.06 4.16
CA ALA D 8 24.90 -4.09 4.87
C ALA D 8 25.24 -4.04 6.35
N VAL D 9 24.20 -4.07 7.19
CA VAL D 9 24.36 -4.09 8.63
C VAL D 9 23.38 -5.11 9.20
N SER D 10 23.89 -6.07 9.96
CA SER D 10 23.07 -7.11 10.58
C SER D 10 22.87 -6.84 12.06
N VAL D 11 21.70 -7.20 12.57
CA VAL D 11 21.35 -6.98 13.96
C VAL D 11 20.54 -8.19 14.46
N ALA D 12 20.72 -8.52 15.73
CA ALA D 12 19.96 -9.59 16.34
C ALA D 12 18.58 -9.09 16.76
N LEU D 13 17.67 -10.05 16.97
CA LEU D 13 16.31 -9.69 17.36
C LEU D 13 16.32 -9.00 18.72
N LYS D 14 15.48 -7.97 18.85
CA LYS D 14 15.30 -7.15 20.05
C LYS D 14 16.49 -6.23 20.32
N GLN D 15 17.57 -6.33 19.54
CA GLN D 15 18.73 -5.48 19.72
C GLN D 15 18.50 -4.10 19.10
N THR D 16 19.39 -3.17 19.42
CA THR D 16 19.35 -1.82 18.90
C THR D 16 20.42 -1.65 17.82
N VAL D 17 20.01 -1.19 16.64
CA VAL D 17 20.92 -0.96 15.52
C VAL D 17 20.83 0.50 15.12
N THR D 18 21.98 1.07 14.77
CA THR D 18 22.08 2.47 14.34
C THR D 18 22.65 2.50 12.93
N ILE D 19 21.85 2.95 11.98
CA ILE D 19 22.28 3.11 10.59
C ILE D 19 22.71 4.54 10.37
N THR D 20 23.93 4.73 9.87
CA THR D 20 24.52 6.04 9.71
C THR D 20 24.45 6.51 8.26
N CYS D 21 24.81 7.77 8.06
CA CYS D 21 24.82 8.40 6.74
C CYS D 21 25.80 9.57 6.81
N ARG D 22 26.73 9.61 5.85
CA ARG D 22 27.78 10.62 5.83
C ARG D 22 27.76 11.40 4.52
N GLY D 23 27.90 12.71 4.63
CA GLY D 23 27.94 13.59 3.47
C GLY D 23 28.31 15.01 3.85
N ASP D 24 28.94 15.74 2.93
CA ASP D 24 29.31 17.12 3.21
C ASP D 24 28.09 18.00 3.40
N SER D 25 27.01 17.73 2.67
CA SER D 25 25.80 18.55 2.79
C SER D 25 25.08 18.31 4.11
N LEU D 26 25.38 17.23 4.82
CA LEU D 26 24.76 16.98 6.11
C LEU D 26 25.23 17.97 7.18
N ARG D 27 26.35 18.65 6.95
CA ARG D 27 26.83 19.69 7.85
C ARG D 27 25.95 20.93 7.88
N SER D 28 25.07 21.11 6.89
CA SER D 28 24.15 22.23 6.89
C SER D 28 22.70 21.83 6.63
N HIS D 29 22.43 20.60 6.20
CA HIS D 29 21.09 20.17 5.88
C HIS D 29 20.72 18.93 6.68
N TYR D 30 19.44 18.82 7.00
CA TYR D 30 18.92 17.64 7.68
C TYR D 30 18.78 16.48 6.69
N ALA D 31 18.51 15.30 7.23
CA ALA D 31 18.39 14.09 6.43
C ALA D 31 17.03 13.44 6.67
N SER D 32 16.53 12.77 5.63
CA SER D 32 15.30 12.00 5.72
C SER D 32 15.61 10.53 5.43
N TRP D 33 14.88 9.65 6.10
CA TRP D 33 15.13 8.22 6.07
C TRP D 33 13.90 7.50 5.52
N TYR D 34 14.13 6.48 4.71
CA TYR D 34 13.06 5.74 4.06
C TYR D 34 13.27 4.25 4.21
N GLN D 35 12.17 3.52 4.38
CA GLN D 35 12.19 2.07 4.48
C GLN D 35 11.68 1.50 3.17
N LYS D 36 12.48 0.64 2.53
CA LYS D 36 12.12 0.07 1.24
C LYS D 36 12.15 -1.45 1.33
N LYS D 37 10.99 -2.07 1.17
CA LYS D 37 10.85 -3.51 1.13
C LYS D 37 10.61 -3.98 -0.31
N PRO D 38 11.09 -5.17 -0.68
CA PRO D 38 10.89 -5.65 -2.06
C PRO D 38 9.42 -5.89 -2.35
N GLY D 39 8.91 -5.22 -3.37
CA GLY D 39 7.51 -5.31 -3.73
C GLY D 39 6.60 -4.34 -3.00
N GLN D 40 7.15 -3.34 -2.32
CA GLN D 40 6.36 -2.37 -1.58
C GLN D 40 6.90 -0.98 -1.86
N ALA D 41 6.06 0.02 -1.65
CA ALA D 41 6.48 1.39 -1.85
C ALA D 41 7.30 1.87 -0.65
N PRO D 42 8.25 2.79 -0.87
CA PRO D 42 9.03 3.33 0.24
C PRO D 42 8.14 4.06 1.24
N VAL D 43 8.62 4.15 2.48
CA VAL D 43 7.88 4.77 3.57
C VAL D 43 8.79 5.77 4.26
N LEU D 44 8.36 7.02 4.34
CA LEU D 44 9.09 8.02 5.11
C LEU D 44 9.10 7.64 6.58
N LEU D 45 10.29 7.61 7.18
CA LEU D 45 10.46 7.21 8.57
C LEU D 45 10.81 8.37 9.49
N PHE D 46 11.68 9.27 9.05
CA PHE D 46 12.13 10.37 9.88
C PHE D 46 12.62 11.47 8.95
N TYR D 47 12.52 12.71 9.42
CA TYR D 47 12.96 13.85 8.62
C TYR D 47 13.11 15.05 9.53
N GLY D 48 13.81 16.06 9.02
CA GLY D 48 13.99 17.29 9.75
C GLY D 48 14.80 17.10 11.02
N LYS D 49 14.58 18.02 11.96
CA LYS D 49 15.31 18.00 13.22
C LYS D 49 14.81 16.88 14.13
N ASN D 50 13.49 16.69 14.19
CA ASN D 50 12.90 15.73 15.11
C ASN D 50 11.42 15.46 14.80
N ASN D 51 11.15 14.86 13.64
CA ASN D 51 9.79 14.62 13.18
C ASN D 51 9.59 13.17 12.81
N ARG D 52 8.64 12.51 13.46
CA ARG D 52 8.23 11.16 13.10
C ARG D 52 6.83 11.22 12.50
N PRO D 53 6.65 10.85 11.24
CA PRO D 53 5.29 10.79 10.68
C PRO D 53 4.41 9.82 11.46
N SER D 54 3.16 10.21 11.66
CA SER D 54 2.24 9.37 12.42
C SER D 54 1.97 8.06 11.66
N GLY D 55 1.90 6.97 12.42
CA GLY D 55 1.81 5.65 11.84
C GLY D 55 3.09 4.85 11.87
N ILE D 56 4.18 5.43 12.39
CA ILE D 56 5.48 4.77 12.48
C ILE D 56 5.70 4.37 13.93
N PRO D 57 6.19 3.17 14.20
CA PRO D 57 6.54 2.82 15.59
C PRO D 57 7.58 3.77 16.15
N ASP D 58 7.39 4.14 17.42
CA ASP D 58 8.23 5.14 18.07
C ASP D 58 9.67 4.70 18.27
N ARG D 59 10.03 3.47 17.90
CA ARG D 59 11.41 3.03 18.02
C ARG D 59 12.33 3.67 16.99
N PHE D 60 11.77 4.17 15.88
CA PHE D 60 12.58 4.84 14.87
C PHE D 60 12.86 6.27 15.28
N SER D 61 14.13 6.66 15.28
CA SER D 61 14.54 8.00 15.64
C SER D 61 15.82 8.35 14.89
N GLY D 62 16.12 9.65 14.85
CA GLY D 62 17.27 10.13 14.12
C GLY D 62 18.11 11.08 14.95
N SER D 63 19.33 11.30 14.46
CA SER D 63 20.28 12.21 15.08
C SER D 63 21.07 12.91 13.98
N ALA D 64 21.67 14.05 14.33
CA ALA D 64 22.42 14.85 13.36
C ALA D 64 23.52 15.60 14.08
N SER D 65 24.77 15.40 13.63
CA SER D 65 25.92 16.11 14.20
C SER D 65 27.05 16.05 13.20
N GLY D 66 27.56 17.20 12.80
CA GLY D 66 28.63 17.24 11.82
C GLY D 66 28.16 16.72 10.47
N ASN D 67 29.05 16.03 9.76
CA ASN D 67 28.75 15.43 8.48
C ASN D 67 28.12 14.05 8.61
N ARG D 68 27.35 13.81 9.67
CA ARG D 68 26.83 12.49 9.97
C ARG D 68 25.38 12.59 10.41
N ALA D 69 24.56 11.66 9.93
CA ALA D 69 23.17 11.50 10.35
C ALA D 69 22.93 10.02 10.60
N SER D 70 22.30 9.71 11.74
CA SER D 70 22.13 8.33 12.16
C SER D 70 20.65 8.01 12.35
N LEU D 71 20.27 6.79 11.98
CA LEU D 71 18.94 6.26 12.19
C LEU D 71 19.04 5.13 13.23
N THR D 72 18.46 5.36 14.40
CA THR D 72 18.52 4.40 15.50
C THR D 72 17.21 3.64 15.58
N ILE D 73 17.31 2.32 15.71
CA ILE D 73 16.15 1.44 15.82
C ILE D 73 16.21 0.77 17.19
N THR D 74 15.23 1.09 18.05
CA THR D 74 15.17 0.55 19.39
C THR D 74 14.43 -0.79 19.36
N GLY D 75 15.16 -1.88 19.57
CA GLY D 75 14.57 -3.20 19.54
C GLY D 75 14.13 -3.62 18.15
N ALA D 76 15.09 -4.02 17.31
CA ALA D 76 14.77 -4.38 15.95
C ALA D 76 13.86 -5.61 15.92
N GLN D 77 12.87 -5.57 15.03
CA GLN D 77 11.90 -6.64 14.89
C GLN D 77 12.13 -7.38 13.58
N ALA D 78 11.42 -8.49 13.43
CA ALA D 78 11.49 -9.24 12.17
C ALA D 78 10.90 -8.42 11.03
N GLU D 79 9.93 -7.56 11.30
CA GLU D 79 9.32 -6.70 10.29
C GLU D 79 10.19 -5.52 9.89
N ASP D 80 11.42 -5.43 10.37
CA ASP D 80 12.25 -4.28 10.07
C ASP D 80 13.38 -4.59 9.12
N GLU D 81 13.49 -5.84 8.65
CA GLU D 81 14.44 -6.16 7.59
C GLU D 81 13.95 -5.51 6.29
N ALA D 82 14.69 -4.53 5.81
CA ALA D 82 14.34 -3.80 4.60
C ALA D 82 15.57 -3.03 4.14
N ASP D 83 15.38 -2.13 3.19
CA ASP D 83 16.43 -1.26 2.69
C ASP D 83 16.17 0.15 3.19
N TYR D 84 17.15 0.73 3.88
CA TYR D 84 17.02 2.06 4.46
C TYR D 84 17.92 3.04 3.73
N TYR D 85 17.35 4.15 3.29
CA TYR D 85 18.04 5.15 2.49
C TYR D 85 17.92 6.51 3.17
N CYS D 86 19.05 7.22 3.27
CA CYS D 86 19.07 8.59 3.74
C CYS D 86 19.01 9.54 2.55
N SER D 87 18.33 10.67 2.74
CA SER D 87 18.14 11.63 1.66
C SER D 87 18.33 13.04 2.19
N SER D 88 19.08 13.85 1.44
CA SER D 88 19.31 15.25 1.77
C SER D 88 19.69 15.97 0.48
N ARG D 89 20.20 17.19 0.61
CA ARG D 89 20.63 17.93 -0.56
C ARG D 89 21.95 17.38 -1.08
N ASP D 90 22.15 17.49 -2.40
CA ASP D 90 23.42 17.05 -2.98
C ASP D 90 24.56 17.97 -2.60
N LYS D 91 24.29 19.27 -2.50
CA LYS D 91 25.29 20.25 -2.09
C LYS D 91 24.66 21.18 -1.06
N SER D 92 25.53 21.81 -0.25
CA SER D 92 25.06 22.77 0.72
C SER D 92 24.52 24.01 0.00
N GLY D 93 23.26 24.31 0.23
CA GLY D 93 22.62 25.43 -0.46
C GLY D 93 22.23 25.12 -1.90
N SER D 94 21.76 23.90 -2.15
CA SER D 94 21.39 23.47 -3.49
C SER D 94 19.91 23.10 -3.55
N ARG D 95 19.36 23.16 -4.76
CA ARG D 95 17.97 22.83 -5.01
C ARG D 95 17.77 21.36 -5.35
N LEU D 96 18.83 20.58 -5.41
CA LEU D 96 18.77 19.19 -5.86
C LEU D 96 18.86 18.26 -4.66
N SER D 97 18.03 17.22 -4.65
CA SER D 97 18.06 16.19 -3.63
C SER D 97 18.80 14.95 -4.15
N VAL D 98 19.17 14.07 -3.21
CA VAL D 98 19.92 12.87 -3.55
C VAL D 98 19.68 11.84 -2.46
N PHE D 99 19.73 10.57 -2.84
CA PHE D 99 19.62 9.45 -1.92
C PHE D 99 21.00 8.89 -1.59
N GLY D 100 21.03 8.04 -0.55
CA GLY D 100 22.25 7.34 -0.18
C GLY D 100 22.43 6.06 -0.97
N GLY D 101 23.53 5.38 -0.67
CA GLY D 101 23.82 4.12 -1.34
C GLY D 101 22.83 3.03 -0.99
N GLY D 102 22.57 2.86 0.31
CA GLY D 102 21.61 1.86 0.75
C GLY D 102 22.17 0.90 1.78
N THR D 103 21.48 0.81 2.92
CA THR D 103 21.88 -0.07 4.02
C THR D 103 20.86 -1.20 4.12
N LYS D 104 21.29 -2.41 3.79
CA LYS D 104 20.45 -3.60 3.94
C LYS D 104 20.51 -4.07 5.38
N LEU D 105 19.45 -3.80 6.14
CA LEU D 105 19.34 -4.29 7.50
C LEU D 105 18.89 -5.75 7.47
N THR D 106 19.69 -6.62 8.08
CA THR D 106 19.41 -8.06 8.10
C THR D 106 19.19 -8.48 9.55
N VAL D 107 17.93 -8.67 9.93
CA VAL D 107 17.59 -9.08 11.29
C VAL D 107 17.65 -10.60 11.38
N LEU D 108 18.42 -11.11 12.33
CA LEU D 108 18.58 -12.54 12.51
C LEU D 108 17.54 -13.05 13.51
N SER D 109 16.76 -14.05 13.11
CA SER D 109 15.71 -14.56 13.97
C SER D 109 15.49 -16.06 13.87
N GLN D 110 16.31 -16.79 13.11
CA GLN D 110 16.17 -18.25 12.98
C GLN D 110 17.55 -18.82 12.73
N PRO D 111 17.77 -20.09 13.07
CA PRO D 111 19.15 -20.59 13.15
C PRO D 111 19.83 -20.70 11.79
N LYS D 112 21.17 -20.65 11.84
CA LYS D 112 21.99 -20.84 10.66
C LYS D 112 21.74 -22.21 10.02
N ALA D 113 21.64 -22.22 8.71
CA ALA D 113 21.38 -23.44 7.94
C ALA D 113 22.54 -23.72 7.00
N ALA D 114 22.81 -25.00 6.79
CA ALA D 114 23.90 -25.41 5.91
C ALA D 114 23.49 -25.24 4.46
N PRO D 115 24.18 -24.41 3.67
CA PRO D 115 23.80 -24.23 2.26
C PRO D 115 23.99 -25.52 1.47
N SER D 116 22.90 -26.00 0.88
CA SER D 116 22.94 -27.19 0.05
C SER D 116 23.32 -26.79 -1.37
N VAL D 117 24.56 -27.13 -1.76
CA VAL D 117 25.12 -26.72 -3.05
C VAL D 117 25.04 -27.89 -4.02
N THR D 118 24.66 -27.59 -5.26
CA THR D 118 24.55 -28.62 -6.30
C THR D 118 24.93 -28.01 -7.64
N LEU D 119 25.78 -28.71 -8.38
CA LEU D 119 26.26 -28.26 -9.69
C LEU D 119 25.92 -29.28 -10.76
N PHE D 120 25.43 -28.80 -11.90
CA PHE D 120 25.01 -29.65 -12.99
C PHE D 120 25.87 -29.39 -14.22
N PRO D 121 26.37 -30.44 -14.88
CA PRO D 121 27.15 -30.24 -16.11
C PRO D 121 26.24 -29.86 -17.26
N PRO D 122 26.79 -29.28 -18.33
CA PRO D 122 25.97 -28.94 -19.50
C PRO D 122 25.39 -30.21 -20.14
N SER D 123 24.08 -30.21 -20.32
CA SER D 123 23.42 -31.36 -20.93
C SER D 123 23.90 -31.56 -22.36
N SER D 124 24.01 -32.82 -22.77
CA SER D 124 24.36 -33.12 -24.15
C SER D 124 23.36 -32.52 -25.13
N GLU D 125 22.13 -32.29 -24.70
CA GLU D 125 21.13 -31.64 -25.53
C GLU D 125 21.45 -30.16 -25.75
N GLU D 126 22.25 -29.56 -24.86
CA GLU D 126 22.64 -28.17 -25.07
C GLU D 126 23.90 -28.07 -25.92
N LEU D 127 24.80 -29.04 -25.77
CA LEU D 127 26.02 -29.06 -26.58
C LEU D 127 25.72 -29.27 -28.07
N GLN D 128 24.58 -29.87 -28.38
CA GLN D 128 24.17 -30.11 -29.76
C GLN D 128 23.76 -28.81 -30.44
N LEU D 134 27.00 -24.29 -17.11
CA LEU D 134 27.01 -24.82 -15.75
C LEU D 134 26.02 -24.10 -14.85
N VAL D 135 25.28 -24.87 -14.05
CA VAL D 135 24.24 -24.36 -13.17
C VAL D 135 24.58 -24.81 -11.76
N CYS D 136 24.98 -23.86 -10.91
CA CYS D 136 25.28 -24.14 -9.50
C CYS D 136 24.14 -23.59 -8.65
N LEU D 137 23.41 -24.49 -7.99
CA LEU D 137 22.28 -24.12 -7.17
C LEU D 137 22.65 -24.18 -5.70
N ILE D 138 22.10 -23.24 -4.92
CA ILE D 138 22.35 -23.16 -3.49
C ILE D 138 21.00 -23.04 -2.80
N SER D 139 20.71 -23.96 -1.88
CA SER D 139 19.39 -24.05 -1.28
C SER D 139 19.52 -24.31 0.21
N ASP D 140 18.47 -23.93 0.95
CA ASP D 140 18.31 -24.18 2.38
C ASP D 140 19.46 -23.55 3.15
N PHE D 141 19.43 -22.24 3.27
CA PHE D 141 20.51 -21.58 3.92
C PHE D 141 19.99 -20.38 4.64
N TYR D 142 20.82 -19.86 5.53
CA TYR D 142 20.40 -18.69 6.29
C TYR D 142 21.56 -18.16 7.12
N PRO D 143 21.79 -16.84 7.14
CA PRO D 143 20.97 -15.80 6.47
C PRO D 143 21.19 -15.77 4.97
N GLY D 144 20.38 -14.97 4.27
CA GLY D 144 20.51 -14.82 2.83
C GLY D 144 21.77 -14.08 2.44
N ALA D 145 22.91 -14.78 2.49
CA ALA D 145 24.19 -14.17 2.15
C ALA D 145 25.17 -15.29 1.83
N VAL D 146 25.54 -15.41 0.56
CA VAL D 146 26.48 -16.43 0.10
C VAL D 146 27.47 -15.79 -0.87
N THR D 147 28.75 -16.10 -0.69
CA THR D 147 29.79 -15.67 -1.60
C THR D 147 30.06 -16.80 -2.59
N VAL D 148 29.83 -16.54 -3.87
CA VAL D 148 29.92 -17.55 -4.91
C VAL D 148 31.14 -17.23 -5.75
N ALA D 149 32.14 -18.12 -5.70
CA ALA D 149 33.34 -18.01 -6.51
C ALA D 149 33.43 -19.20 -7.45
N TRP D 150 33.84 -18.93 -8.69
CA TRP D 150 33.97 -19.95 -9.72
C TRP D 150 35.44 -20.22 -10.03
N LYS D 151 35.77 -21.49 -10.19
CA LYS D 151 37.13 -21.93 -10.46
C LYS D 151 37.14 -22.82 -11.70
N ALA D 152 38.18 -22.66 -12.52
CA ALA D 152 38.43 -23.53 -13.66
C ALA D 152 39.71 -24.31 -13.38
N ASP D 153 39.59 -25.65 -13.36
CA ASP D 153 40.68 -26.53 -12.95
C ASP D 153 41.19 -26.12 -11.57
N SER D 154 42.09 -25.14 -11.53
CA SER D 154 42.58 -24.58 -10.28
C SER D 154 42.60 -23.06 -10.28
N SER D 155 42.27 -22.42 -11.41
CA SER D 155 42.29 -20.96 -11.55
C SER D 155 40.87 -20.42 -11.42
N PRO D 156 40.69 -19.33 -10.64
CA PRO D 156 39.38 -18.69 -10.45
C PRO D 156 38.76 -18.20 -11.76
N VAL D 161 30.12 -15.09 -15.79
CA VAL D 161 29.55 -15.51 -14.52
C VAL D 161 28.30 -14.69 -14.20
N GLU D 162 27.22 -15.36 -13.85
CA GLU D 162 25.96 -14.72 -13.50
C GLU D 162 25.44 -15.35 -12.22
N THR D 163 25.18 -14.51 -11.21
CA THR D 163 24.72 -14.97 -9.89
C THR D 163 23.44 -14.22 -9.53
N THR D 164 22.48 -14.96 -8.99
CA THR D 164 21.17 -14.42 -8.62
C THR D 164 21.16 -13.99 -7.16
N THR D 165 20.19 -13.12 -6.84
CA THR D 165 19.95 -12.65 -5.49
C THR D 165 19.15 -13.69 -4.71
N PRO D 166 19.55 -13.99 -3.47
CA PRO D 166 18.81 -14.97 -2.67
C PRO D 166 17.37 -14.52 -2.44
N SER D 167 16.47 -15.48 -2.49
CA SER D 167 15.04 -15.23 -2.32
C SER D 167 14.47 -16.22 -1.32
N LYS D 168 13.35 -15.85 -0.72
CA LYS D 168 12.69 -16.70 0.27
C LYS D 168 12.31 -18.04 -0.35
N GLN D 169 12.09 -19.03 0.52
CA GLN D 169 11.75 -20.37 0.03
C GLN D 169 10.45 -20.79 0.72
N SER D 170 10.13 -22.09 0.73
CA SER D 170 8.87 -22.49 1.38
C SER D 170 9.00 -22.56 2.89
N ASN D 171 10.19 -22.79 3.41
CA ASN D 171 10.42 -22.92 4.85
C ASN D 171 11.15 -21.71 5.43
N ASN D 172 10.88 -20.52 4.89
CA ASN D 172 11.41 -19.21 5.27
C ASN D 172 12.94 -19.10 5.20
N LYS D 173 13.65 -20.17 4.83
CA LYS D 173 15.04 -20.07 4.46
C LYS D 173 15.15 -19.49 3.04
N TYR D 174 16.36 -19.22 2.61
CA TYR D 174 16.59 -18.62 1.31
C TYR D 174 17.18 -19.64 0.34
N ALA D 175 17.38 -19.21 -0.90
CA ALA D 175 17.93 -20.05 -1.95
C ALA D 175 18.51 -19.15 -3.04
N ALA D 176 19.60 -19.59 -3.63
CA ALA D 176 20.30 -18.79 -4.64
C ALA D 176 20.84 -19.70 -5.72
N SER D 177 21.14 -19.09 -6.87
CA SER D 177 21.65 -19.82 -8.03
C SER D 177 22.72 -19.00 -8.73
N SER D 178 23.67 -19.69 -9.34
CA SER D 178 24.77 -19.06 -10.07
C SER D 178 25.01 -19.81 -11.37
N TYR D 179 25.23 -19.08 -12.45
CA TYR D 179 25.38 -19.65 -13.77
C TYR D 179 26.73 -19.26 -14.37
N LEU D 180 27.24 -20.12 -15.27
CA LEU D 180 28.50 -19.90 -15.96
C LEU D 180 28.31 -20.20 -17.43
N SER D 181 28.58 -19.21 -18.29
CA SER D 181 28.49 -19.37 -19.74
C SER D 181 29.85 -19.77 -20.32
N LEU D 182 29.81 -20.63 -21.33
CA LEU D 182 31.02 -21.09 -21.99
C LEU D 182 30.71 -21.45 -23.43
N THR D 183 31.73 -21.94 -24.13
CA THR D 183 31.67 -22.48 -25.48
C THR D 183 31.93 -23.99 -25.45
N PRO D 184 31.36 -24.74 -26.41
CA PRO D 184 31.59 -26.19 -26.47
C PRO D 184 33.06 -26.56 -26.65
N TRP D 187 34.59 -25.77 -22.60
CA TRP D 187 34.20 -26.88 -21.74
C TRP D 187 35.13 -28.08 -21.85
N LYS D 188 35.27 -28.62 -23.06
CA LYS D 188 36.09 -29.82 -23.27
C LYS D 188 37.58 -29.53 -23.23
N SER D 189 37.98 -28.30 -22.90
CA SER D 189 39.39 -27.94 -22.81
C SER D 189 39.95 -28.11 -21.41
N HIS D 190 39.13 -27.96 -20.38
CA HIS D 190 39.54 -28.12 -19.00
C HIS D 190 39.06 -29.47 -18.47
N ARG D 191 39.48 -29.81 -17.25
CA ARG D 191 39.18 -31.12 -16.69
C ARG D 191 38.20 -31.08 -15.52
N SER D 192 38.02 -29.92 -14.88
CA SER D 192 37.08 -29.82 -13.76
C SER D 192 36.83 -28.36 -13.44
N TYR D 193 35.58 -28.01 -13.15
CA TYR D 193 35.26 -26.69 -12.62
C TYR D 193 34.63 -26.84 -11.24
N SER D 194 34.79 -25.80 -10.42
CA SER D 194 34.32 -25.80 -9.05
C SER D 194 33.37 -24.65 -8.81
N CYS D 195 32.55 -24.78 -7.76
CA CYS D 195 31.60 -23.75 -7.35
C CYS D 195 31.85 -23.47 -5.87
N GLN D 196 32.74 -22.51 -5.60
CA GLN D 196 33.06 -22.11 -4.24
C GLN D 196 31.89 -21.33 -3.65
N VAL D 197 31.22 -21.92 -2.65
CA VAL D 197 30.12 -21.27 -1.95
C VAL D 197 30.56 -21.06 -0.51
N THR D 198 30.62 -19.80 -0.10
CA THR D 198 31.05 -19.42 1.25
C THR D 198 29.87 -18.87 2.02
N HIS D 199 29.69 -19.34 3.25
CA HIS D 199 28.58 -18.91 4.10
C HIS D 199 29.05 -18.92 5.54
N GLU D 200 29.23 -17.72 6.11
CA GLU D 200 29.63 -17.55 7.51
C GLU D 200 30.95 -18.26 7.80
N GLY D 201 31.96 -17.96 6.98
CA GLY D 201 33.26 -18.58 7.13
C GLY D 201 33.32 -20.06 6.83
N SER D 202 32.25 -20.62 6.27
CA SER D 202 32.20 -22.04 5.92
C SER D 202 32.19 -22.18 4.40
N THR D 203 33.00 -23.08 3.89
CA THR D 203 33.19 -23.25 2.45
C THR D 203 32.65 -24.61 2.01
N VAL D 204 31.83 -24.60 0.96
CA VAL D 204 31.29 -25.82 0.36
C VAL D 204 31.59 -25.78 -1.12
N GLU D 205 32.23 -26.84 -1.63
CA GLU D 205 32.65 -26.91 -3.02
C GLU D 205 32.01 -28.11 -3.71
N LYS D 206 31.50 -27.88 -4.92
CA LYS D 206 30.99 -28.95 -5.77
C LYS D 206 31.68 -28.87 -7.12
N THR D 207 32.19 -30.00 -7.60
CA THR D 207 33.03 -30.06 -8.78
C THR D 207 32.48 -31.06 -9.78
N VAL D 208 32.44 -30.66 -11.04
CA VAL D 208 32.01 -31.52 -12.13
C VAL D 208 33.13 -31.63 -13.15
N ALA D 209 33.08 -32.69 -13.96
CA ALA D 209 34.08 -32.99 -14.95
C ALA D 209 33.41 -33.41 -16.25
N PRO D 210 34.06 -33.19 -17.40
CA PRO D 210 33.52 -33.60 -18.70
C PRO D 210 33.31 -35.11 -18.80
N SER E 1 -4.02 -28.61 -10.51
CA SER E 1 -5.02 -27.71 -11.08
C SER E 1 -5.81 -28.42 -12.18
N LEU E 2 -5.41 -29.65 -12.50
CA LEU E 2 -6.12 -30.42 -13.51
C LEU E 2 -7.47 -30.90 -13.00
N TRP E 3 -7.61 -31.05 -11.68
CA TRP E 3 -8.86 -31.54 -11.10
C TRP E 3 -9.77 -30.37 -10.72
N ASN E 4 -11.03 -30.71 -10.47
CA ASN E 4 -12.01 -29.76 -9.97
C ASN E 4 -11.89 -29.68 -8.46
N TRP E 5 -11.59 -28.48 -7.95
CA TRP E 5 -11.43 -28.30 -6.51
C TRP E 5 -12.68 -28.73 -5.75
N PHE E 6 -13.86 -28.44 -6.30
CA PHE E 6 -15.10 -28.75 -5.60
C PHE E 6 -15.40 -30.24 -5.58
N ASP E 7 -14.74 -31.02 -6.45
CA ASP E 7 -14.89 -32.46 -6.44
C ASP E 7 -13.86 -33.13 -5.54
N ILE E 8 -12.66 -32.55 -5.43
CA ILE E 8 -11.62 -33.12 -4.57
C ILE E 8 -12.05 -33.07 -3.11
N THR E 9 -12.53 -31.91 -2.66
CA THR E 9 -12.89 -31.75 -1.25
C THR E 9 -14.08 -32.63 -0.87
N LYS E 10 -14.94 -32.98 -1.84
CA LYS E 10 -16.06 -33.87 -1.54
C LYS E 10 -15.60 -35.31 -1.34
N TRP E 11 -14.55 -35.74 -2.04
CA TRP E 11 -14.08 -37.11 -1.93
C TRP E 11 -13.06 -37.30 -0.82
N LEU E 12 -12.31 -36.27 -0.44
CA LEU E 12 -11.48 -36.36 0.75
C LEU E 12 -12.34 -36.49 1.99
N TRP E 13 -13.54 -35.91 1.97
CA TRP E 13 -14.50 -36.15 3.04
C TRP E 13 -14.93 -37.60 3.11
N TYR E 14 -14.93 -38.30 1.96
CA TYR E 14 -15.29 -39.71 1.93
C TYR E 14 -14.14 -40.61 2.37
N ILE E 15 -12.90 -40.24 2.04
CA ILE E 15 -11.76 -41.07 2.43
C ILE E 15 -11.56 -41.02 3.93
N LYS E 16 -11.94 -39.91 4.58
CA LYS E 16 -11.83 -39.81 6.03
C LYS E 16 -12.66 -40.88 6.74
N LYS E 17 -13.76 -41.31 6.12
CA LYS E 17 -14.64 -42.31 6.72
C LYS E 17 -14.17 -43.72 6.42
N LEU F 2 2.10 30.37 -2.62
CA LEU F 2 1.72 31.77 -2.58
C LEU F 2 2.94 32.65 -2.87
N TRP F 3 4.05 32.32 -2.21
CA TRP F 3 5.31 33.01 -2.39
C TRP F 3 6.40 32.00 -2.70
N ASN F 4 7.50 32.50 -3.27
CA ASN F 4 8.60 31.65 -3.69
C ASN F 4 9.29 31.07 -2.46
N TRP F 5 9.17 29.75 -2.28
CA TRP F 5 9.88 29.06 -1.20
C TRP F 5 11.37 29.37 -1.22
N PHE F 6 11.96 29.40 -2.42
CA PHE F 6 13.39 29.64 -2.55
C PHE F 6 13.77 31.06 -2.18
N ASP F 7 12.82 31.99 -2.22
CA ASP F 7 13.04 33.36 -1.78
C ASP F 7 12.64 33.60 -0.33
N ILE F 8 11.71 32.81 0.20
CA ILE F 8 11.33 32.95 1.61
C ILE F 8 12.46 32.45 2.52
N THR F 9 12.99 31.26 2.22
CA THR F 9 14.02 30.68 3.08
C THR F 9 15.30 31.53 3.07
N LYS F 10 15.58 32.20 1.95
CA LYS F 10 16.74 33.09 1.92
C LYS F 10 16.53 34.31 2.80
N TRP F 11 15.33 34.89 2.77
CA TRP F 11 15.08 36.09 3.56
C TRP F 11 15.01 35.77 5.05
N LEU F 12 14.45 34.61 5.40
CA LEU F 12 14.42 34.20 6.81
C LEU F 12 15.82 33.92 7.34
N TRP F 13 16.78 33.61 6.46
CA TRP F 13 18.16 33.45 6.89
C TRP F 13 18.78 34.80 7.27
N TYR F 14 18.30 35.89 6.67
CA TYR F 14 18.79 37.21 7.05
C TYR F 14 18.26 37.64 8.41
N ILE F 15 16.98 37.38 8.69
CA ILE F 15 16.36 37.88 9.92
C ILE F 15 17.08 37.36 11.15
N LYS F 16 17.62 36.15 11.08
CA LYS F 16 18.39 35.62 12.21
C LYS F 16 19.64 36.45 12.46
N LYS F 17 20.29 36.93 11.40
CA LYS F 17 21.53 37.68 11.52
C LYS F 17 21.25 39.18 11.60
#